data_8OTT
#
_entry.id   8OTT
#
loop_
_entity.id
_entity.type
_entity.pdbx_description
1 polymer 'Histone H3.1'
2 polymer 'Histone H4'
3 polymer 'Histone H2A type 1-B/E'
4 polymer 'Histone H2B type 1-J'
5 polymer 'Histone H2A type 1-K'
6 polymer 'DNA (144-MER)'
7 polymer 'DNA (144-MER)'
8 polymer 'Myc proto-oncogene protein'
9 polymer 'Protein max'
10 non-polymer PENTANEDIAL
#
loop_
_entity_poly.entity_id
_entity_poly.type
_entity_poly.pdbx_seq_one_letter_code
_entity_poly.pdbx_strand_id
1 'polypeptide(L)'
;HRYRPGTVALREIRRYQKSTELLIRKLPFQRLVREIAQDFKTDLRFQSSAVMALQEACEAYLVGLFEDTNLCAIHAKRVT
IMPKDIQLARRIRGE
;
A,E
2 'polypeptide(L)'
;VLRDNIQGITKPAIRRLARRGGVKRISGLIYEETRGVLKVFLENVIRDAVTYTEHAKRKTVTAMDVVYALKRQGRTLYGF
GG
;
B,F
3 'polypeptide(L)'
;GKARAKAKTRSSRAGLQFPVGRVHRLLRKGNYSERVGAGAPVYLAAVLEYLTAEILELAGNAARDNKKTRIIPRHLQLAI
RNDEELNKLLGRVTIAQGGVLPNIQAVLL
;
C
4 'polypeptide(L)'
;SRKESYSIYVYKVLKQVHPDTGISSKAMGIMNSFVNDIFERIAGEASRLAHYNKRSTITSREIQTAVRLLLPGELAKHAV
SEGTKAVTKYTSA
;
D,H
5 'polypeptide(L)'
;ARAKAKTRSSRAGLQFPVGRVHRLLRKGNYSERVGAGAPVYLAAVLEYLTAEILELAGNAARDNKKTRIIPRHLQLAIRN
DEELNKLLGRVTIAQGGVLPNIQAVLLP
;
G
6 'polydeoxyribonucleotide'
;(DG)(DG)(DA)(DG)(DA)(DA)(DT)(DC)(DC)(DC)(DG)(DG)(DT)(DC)(DT)(DG)(DC)(DA)(DG)(DG)
(DC)(DC)(DG)(DC)(DT)(DC)(DA)(DA)(DT)(DT)(DG)(DG)(DT)(DC)(DG)(DT)(DA)(DG)(DA)(DC)
(DA)(DG)(DC)(DT)(DC)(DT)(DA)(DG)(DC)(DA)(DC)(DC)(DG)(DC)(DT)(DT)(DA)(DA)(DA)(DC)
(DG)(DC)(DA)(DC)(DG)(DT)(DA)(DC)(DG)(DC)(DG)(DC)(DT)(DG)(DT)(DC)(DC)(DC)(DC)(DC)
(DG)(DC)(DG)(DT)(DT)(DT)(DT)(DA)(DA)(DC)(DC)(DG)(DC)(DC)(DA)(DA)(DG)(DG)(DG)(DG)
(DA)(DT)(DT)(DA)(DC)(DT)(DC)(DC)(DC)(DT)(DA)(DG)(DT)(DC)(DT)(DC)(DC)(DA)(DG)(DG)
(DC)(DA)(DC)(DG)(DG)(DG)(DT)(DC)(DA)(DC)(DG)(DT)(DG)(DC)(DA)(DT)(DA)(DC)(DA)(DT)
(DC)(DC)(DT)(DG)
;
I
7 'polydeoxyribonucleotide'
;(DC)(DA)(DG)(DG)(DA)(DT)(DG)(DT)(DA)(DT)(DG)(DC)(DA)(DC)(DG)(DT)(DG)(DA)(DC)(DC)
(DC)(DG)(DT)(DG)(DC)(DC)(DT)(DG)(DG)(DA)(DG)(DA)(DC)(DT)(DA)(DG)(DG)(DG)(DA)(DG)
(DT)(DA)(DA)(DT)(DC)(DC)(DC)(DC)(DT)(DT)(DG)(DG)(DC)(DG)(DG)(DT)(DT)(DA)(DA)(DA)
(DA)(DC)(DG)(DC)(DG)(DG)(DG)(DG)(DG)(DA)(DC)(DA)(DG)(DC)(DG)(DC)(DG)(DT)(DA)(DC)
(DG)(DT)(DG)(DC)(DG)(DT)(DT)(DT)(DA)(DA)(DG)(DC)(DG)(DG)(DT)(DG)(DC)(DT)(DA)(DG)
(DA)(DG)(DC)(DT)(DG)(DT)(DC)(DT)(DA)(DC)(DG)(DA)(DC)(DC)(DA)(DA)(DT)(DT)(DG)(DA)
(DG)(DC)(DG)(DG)(DC)(DC)(DT)(DG)(DC)(DA)(DG)(DA)(DC)(DC)(DG)(DG)(DG)(DA)(DT)(DT)
(DC)(DT)(DC)(DC)
;
J
8 'polypeptide(L)' NVKRRTHNVLERQRRNELKRSFFALRDQIPELENNEKAPKVVILKKATAYILS M
9 'polypeptide(L)' DKRAHHNALERKRRDHIKDSFHSLRDSVPSLQGEKASRAQILDKATEYIQY N
#
# COMPACT_ATOMS: atom_id res chain seq x y z
N ARG A 2 31.99 -1.70 30.45
CA ARG A 2 30.54 -1.89 30.33
C ARG A 2 29.85 -0.55 30.05
N TYR A 3 28.89 -0.55 29.13
CA TYR A 3 28.16 0.66 28.75
C TYR A 3 27.06 0.98 29.75
N ARG A 4 26.66 2.26 29.77
CA ARG A 4 25.52 2.69 30.58
C ARG A 4 24.24 2.04 30.06
N PRO A 5 23.42 1.41 30.92
CA PRO A 5 22.23 0.70 30.43
C PRO A 5 21.35 1.54 29.53
N GLY A 6 20.84 0.90 28.47
CA GLY A 6 20.07 1.56 27.43
C GLY A 6 20.87 2.05 26.24
N THR A 7 22.20 2.18 26.36
CA THR A 7 23.03 2.63 25.24
C THR A 7 22.99 1.65 24.07
N VAL A 8 23.18 0.36 24.37
CA VAL A 8 23.22 -0.63 23.31
C VAL A 8 21.85 -0.76 22.66
N ALA A 9 20.78 -0.45 23.40
CA ALA A 9 19.45 -0.41 22.79
C ALA A 9 19.38 0.61 21.65
N LEU A 10 19.91 1.82 21.88
CA LEU A 10 19.91 2.82 20.82
C LEU A 10 20.70 2.34 19.61
N ARG A 11 21.89 1.77 19.83
CA ARG A 11 22.63 1.21 18.70
C ARG A 11 21.76 0.21 17.92
N GLU A 12 21.09 -0.69 18.64
CA GLU A 12 20.22 -1.68 18.01
C GLU A 12 19.07 -1.04 17.23
N ILE A 13 18.41 -0.04 17.83
CA ILE A 13 17.31 0.63 17.14
C ILE A 13 17.78 1.11 15.79
N ARG A 14 18.93 1.81 15.77
CA ARG A 14 19.43 2.33 14.49
C ARG A 14 19.73 1.20 13.52
N ARG A 15 20.38 0.13 14.00
CA ARG A 15 20.75 -0.96 13.11
C ARG A 15 19.54 -1.57 12.44
N TYR A 16 18.50 -1.87 13.22
CA TYR A 16 17.34 -2.57 12.69
C TYR A 16 16.44 -1.68 11.87
N GLN A 17 16.43 -0.37 12.15
CA GLN A 17 15.65 0.55 11.32
C GLN A 17 16.31 0.77 9.97
N LYS A 18 17.65 0.72 9.92
CA LYS A 18 18.34 0.88 8.65
C LYS A 18 18.20 -0.35 7.76
N SER A 19 18.19 -1.53 8.36
CA SER A 19 18.16 -2.78 7.59
C SER A 19 16.75 -3.11 7.12
N THR A 20 16.66 -4.03 6.15
CA THR A 20 15.38 -4.41 5.58
C THR A 20 15.05 -5.90 5.68
N GLU A 21 15.98 -6.73 6.16
CA GLU A 21 15.74 -8.17 6.18
C GLU A 21 14.73 -8.53 7.28
N LEU A 22 14.07 -9.67 7.09
CA LEU A 22 13.08 -10.13 8.05
C LEU A 22 13.76 -10.57 9.35
N LEU A 23 13.12 -10.20 10.46
CA LEU A 23 13.64 -10.38 11.82
C LEU A 23 13.32 -11.75 12.40
N ILE A 24 12.11 -12.25 12.16
CA ILE A 24 11.71 -13.58 12.62
C ILE A 24 12.33 -14.64 11.71
N ARG A 25 12.86 -15.71 12.31
CA ARG A 25 13.48 -16.80 11.54
C ARG A 25 12.44 -17.51 10.68
N LYS A 26 12.85 -18.01 9.51
CA LYS A 26 11.89 -18.49 8.52
C LYS A 26 11.28 -19.85 8.87
N LEU A 27 12.11 -20.85 9.23
CA LEU A 27 11.56 -22.17 9.52
C LEU A 27 10.54 -22.15 10.66
N PRO A 28 10.79 -21.46 11.78
CA PRO A 28 9.75 -21.33 12.83
C PRO A 28 8.47 -20.69 12.34
N PHE A 29 8.57 -19.64 11.53
CA PHE A 29 7.36 -18.97 11.04
C PHE A 29 6.58 -19.87 10.09
N GLN A 30 7.28 -20.64 9.23
CA GLN A 30 6.58 -21.64 8.43
C GLN A 30 5.81 -22.61 9.31
N ARG A 31 6.46 -23.11 10.37
CA ARG A 31 5.75 -24.00 11.29
C ARG A 31 4.56 -23.31 11.93
N LEU A 32 4.71 -22.05 12.35
CA LEU A 32 3.62 -21.32 12.99
C LEU A 32 2.44 -21.12 12.02
N VAL A 33 2.72 -20.65 10.81
CA VAL A 33 1.68 -20.43 9.81
C VAL A 33 0.94 -21.73 9.51
N ARG A 34 1.69 -22.81 9.30
CA ARG A 34 1.05 -24.08 8.98
C ARG A 34 0.26 -24.63 10.17
N GLU A 35 0.76 -24.42 11.39
CA GLU A 35 0.02 -24.82 12.58
C GLU A 35 -1.31 -24.08 12.68
N ILE A 36 -1.29 -22.77 12.42
CA ILE A 36 -2.53 -21.99 12.46
C ILE A 36 -3.46 -22.40 11.32
N ALA A 37 -2.92 -22.58 10.12
CA ALA A 37 -3.74 -22.94 8.96
C ALA A 37 -4.44 -24.28 9.16
N GLN A 38 -3.76 -25.23 9.82
CA GLN A 38 -4.33 -26.55 10.04
C GLN A 38 -5.60 -26.50 10.88
N ASP A 39 -5.78 -25.46 11.70
CA ASP A 39 -7.03 -25.31 12.45
C ASP A 39 -8.20 -25.00 11.52
N PHE A 40 -7.95 -24.34 10.39
CA PHE A 40 -9.00 -23.96 9.45
C PHE A 40 -9.23 -25.04 8.39
N LYS A 41 -8.16 -25.65 7.90
CA LYS A 41 -8.28 -26.72 6.92
C LYS A 41 -7.03 -27.58 6.95
N THR A 42 -7.21 -28.90 6.81
CA THR A 42 -6.10 -29.83 6.80
C THR A 42 -5.49 -29.97 5.40
N ASP A 43 -4.25 -30.45 5.36
CA ASP A 43 -3.51 -30.82 4.14
C ASP A 43 -3.25 -29.65 3.19
N LEU A 44 -3.35 -28.41 3.65
CA LEU A 44 -3.02 -27.26 2.82
C LEU A 44 -1.53 -27.22 2.47
N ARG A 45 -1.23 -27.02 1.19
CA ARG A 45 0.08 -26.57 0.77
C ARG A 45 0.13 -25.05 0.80
N PHE A 46 1.32 -24.49 1.02
CA PHE A 46 1.56 -23.06 0.94
C PHE A 46 2.56 -22.78 -0.17
N GLN A 47 2.27 -21.77 -0.99
CA GLN A 47 3.29 -21.28 -1.91
C GLN A 47 4.47 -20.73 -1.12
N SER A 48 5.68 -20.95 -1.65
CA SER A 48 6.87 -20.46 -0.97
C SER A 48 6.80 -18.96 -0.72
N SER A 49 6.22 -18.22 -1.67
CA SER A 49 6.05 -16.77 -1.53
C SER A 49 4.86 -16.38 -0.65
N ALA A 50 3.89 -17.28 -0.44
CA ALA A 50 2.76 -16.95 0.43
C ALA A 50 3.21 -16.75 1.87
N VAL A 51 4.08 -17.64 2.37
CA VAL A 51 4.59 -17.46 3.73
C VAL A 51 5.43 -16.21 3.83
N MET A 52 6.16 -15.86 2.76
CA MET A 52 6.92 -14.61 2.78
C MET A 52 6.00 -13.40 2.84
N ALA A 53 4.88 -13.44 2.12
CA ALA A 53 3.90 -12.36 2.23
C ALA A 53 3.35 -12.28 3.66
N LEU A 54 3.10 -13.43 4.29
CA LEU A 54 2.64 -13.42 5.68
C LEU A 54 3.69 -12.85 6.63
N GLN A 55 4.95 -13.24 6.48
CA GLN A 55 6.00 -12.61 7.30
C GLN A 55 6.04 -11.11 7.06
N GLU A 56 6.06 -10.69 5.80
CA GLU A 56 6.17 -9.28 5.50
C GLU A 56 5.05 -8.50 6.18
N ALA A 57 3.80 -8.97 6.04
CA ALA A 57 2.66 -8.25 6.58
C ALA A 57 2.59 -8.34 8.11
N CYS A 58 2.74 -9.54 8.68
CA CYS A 58 2.60 -9.69 10.12
C CYS A 58 3.76 -9.04 10.86
N GLU A 59 4.98 -9.17 10.35
CA GLU A 59 6.12 -8.51 10.96
C GLU A 59 6.00 -6.99 10.86
N ALA A 60 5.61 -6.47 9.69
CA ALA A 60 5.39 -5.03 9.58
C ALA A 60 4.25 -4.56 10.49
N TYR A 61 3.20 -5.38 10.64
CA TYR A 61 2.11 -5.04 11.56
C TYR A 61 2.60 -4.96 12.99
N LEU A 62 3.39 -5.94 13.44
CA LEU A 62 3.91 -5.89 14.80
C LEU A 62 4.88 -4.73 14.99
N VAL A 63 5.71 -4.40 13.98
CA VAL A 63 6.52 -3.20 14.07
C VAL A 63 5.63 -1.98 14.29
N GLY A 64 4.55 -1.89 13.52
CA GLY A 64 3.65 -0.74 13.67
C GLY A 64 3.00 -0.70 15.03
N LEU A 65 2.59 -1.87 15.53
CA LEU A 65 1.96 -1.93 16.84
C LEU A 65 2.96 -1.55 17.92
N PHE A 66 4.21 -2.01 17.83
CA PHE A 66 5.21 -1.63 18.81
C PHE A 66 5.49 -0.13 18.78
N GLU A 67 5.40 0.49 17.61
CA GLU A 67 5.57 1.95 17.55
C GLU A 67 4.48 2.66 18.35
N ASP A 68 3.21 2.30 18.12
CA ASP A 68 2.15 2.89 18.95
C ASP A 68 2.30 2.51 20.43
N THR A 69 2.74 1.29 20.70
CA THR A 69 2.95 0.85 22.07
C THR A 69 3.97 1.75 22.77
N ASN A 70 4.98 2.20 22.05
CA ASN A 70 5.93 3.17 22.60
C ASN A 70 5.23 4.47 22.98
N LEU A 71 4.37 4.99 22.10
CA LEU A 71 3.74 6.27 22.40
C LEU A 71 2.92 6.22 23.69
N CYS A 72 2.22 5.12 23.93
CA CYS A 72 1.42 5.01 25.15
C CYS A 72 2.29 5.11 26.40
N ALA A 73 3.45 4.43 26.41
CA ALA A 73 4.35 4.50 27.55
C ALA A 73 4.85 5.92 27.76
N ILE A 74 5.22 6.60 26.68
CA ILE A 74 5.73 7.97 26.79
C ILE A 74 4.66 8.90 27.34
N HIS A 75 3.41 8.73 26.91
CA HIS A 75 2.31 9.54 27.43
C HIS A 75 2.12 9.31 28.92
N ALA A 76 2.26 8.07 29.38
CA ALA A 76 2.19 7.72 30.78
C ALA A 76 3.47 8.07 31.54
N LYS A 77 4.42 8.76 30.90
CA LYS A 77 5.63 9.28 31.55
C LYS A 77 6.62 8.17 31.89
N ARG A 78 6.55 7.05 31.19
CA ARG A 78 7.53 5.97 31.30
C ARG A 78 8.42 5.92 30.06
N VAL A 79 9.50 5.16 30.19
CA VAL A 79 10.27 4.69 29.03
C VAL A 79 9.93 3.24 28.70
N THR A 80 9.69 2.43 29.74
CA THR A 80 9.45 0.99 29.59
C THR A 80 8.04 0.70 29.10
N ILE A 81 7.91 -0.04 28.00
CA ILE A 81 6.58 -0.46 27.53
C ILE A 81 6.07 -1.64 28.36
N MET A 82 4.76 -1.72 28.51
CA MET A 82 4.09 -2.69 29.36
C MET A 82 2.80 -3.16 28.70
N PRO A 83 2.24 -4.30 29.14
CA PRO A 83 1.01 -4.82 28.49
C PRO A 83 -0.11 -3.81 28.41
N LYS A 84 -0.22 -2.89 29.38
CA LYS A 84 -1.24 -1.86 29.31
C LYS A 84 -1.10 -1.01 28.06
N ASP A 85 0.13 -0.74 27.63
CA ASP A 85 0.36 0.05 26.43
C ASP A 85 -0.16 -0.65 25.18
N ILE A 86 0.15 -1.94 25.04
CA ILE A 86 -0.35 -2.72 23.91
C ILE A 86 -1.88 -2.73 23.93
N GLN A 87 -2.45 -2.95 25.11
CA GLN A 87 -3.90 -3.03 25.22
C GLN A 87 -4.56 -1.69 24.89
N LEU A 88 -3.98 -0.58 25.32
CA LEU A 88 -4.51 0.73 24.96
C LEU A 88 -4.41 0.98 23.46
N ALA A 89 -3.24 0.69 22.87
CA ALA A 89 -3.07 0.90 21.45
C ALA A 89 -4.07 0.08 20.64
N ARG A 90 -4.21 -1.21 20.97
CA ARG A 90 -5.20 -2.06 20.29
C ARG A 90 -6.63 -1.57 20.53
N ARG A 91 -6.92 -1.10 21.75
CA ARG A 91 -8.26 -0.62 22.08
C ARG A 91 -8.63 0.60 21.24
N ILE A 92 -7.71 1.55 21.08
CA ILE A 92 -8.00 2.74 20.29
C ILE A 92 -8.00 2.41 18.80
N ARG A 93 -7.10 1.54 18.35
CA ARG A 93 -7.10 1.08 16.96
C ARG A 93 -8.39 0.32 16.63
N GLY A 94 -8.87 -0.50 17.56
CA GLY A 94 -10.08 -1.27 17.35
C GLY A 94 -9.86 -2.72 17.01
N GLU A 95 -8.70 -3.27 17.36
CA GLU A 95 -8.35 -4.66 17.12
C GLU A 95 -8.99 -5.58 18.16
N VAL B 1 2.63 -33.87 13.88
CA VAL B 1 1.63 -32.80 13.94
C VAL B 1 2.25 -31.54 14.56
N LEU B 2 2.06 -30.40 13.90
CA LEU B 2 2.61 -29.13 14.34
C LEU B 2 1.84 -28.62 15.56
N ARG B 3 2.52 -28.49 16.71
CA ARG B 3 1.92 -27.91 17.90
C ARG B 3 2.91 -27.02 18.64
N ASP B 4 2.40 -25.91 19.19
CA ASP B 4 3.11 -25.00 20.07
C ASP B 4 4.25 -24.24 19.39
N ASN B 5 4.21 -24.07 18.06
CA ASN B 5 5.26 -23.35 17.36
C ASN B 5 5.26 -21.85 17.64
N ILE B 6 4.26 -21.33 18.35
CA ILE B 6 4.27 -19.93 18.78
C ILE B 6 5.44 -19.64 19.71
N GLN B 7 5.94 -20.65 20.43
CA GLN B 7 7.15 -20.46 21.24
C GLN B 7 8.37 -20.14 20.39
N GLY B 8 8.33 -20.46 19.09
CA GLY B 8 9.41 -20.12 18.18
C GLY B 8 9.56 -18.64 17.90
N ILE B 9 8.58 -17.83 18.31
CA ILE B 9 8.71 -16.38 18.26
C ILE B 9 9.49 -15.96 19.51
N THR B 10 10.82 -15.96 19.39
CA THR B 10 11.73 -15.88 20.53
C THR B 10 11.74 -14.48 21.16
N LYS B 11 12.27 -14.39 22.39
CA LYS B 11 12.47 -13.08 23.00
C LYS B 11 13.32 -12.17 22.13
N PRO B 12 14.47 -12.59 21.61
CA PRO B 12 15.22 -11.71 20.70
C PRO B 12 14.45 -11.25 19.48
N ALA B 13 13.64 -12.12 18.87
CA ALA B 13 12.87 -11.70 17.69
C ALA B 13 11.88 -10.60 18.04
N ILE B 14 11.17 -10.76 19.16
CA ILE B 14 10.23 -9.74 19.61
C ILE B 14 10.98 -8.46 19.99
N ARG B 15 12.15 -8.61 20.63
CA ARG B 15 12.96 -7.45 20.99
C ARG B 15 13.40 -6.68 19.75
N ARG B 16 13.84 -7.38 18.71
CA ARG B 16 14.22 -6.71 17.46
C ARG B 16 13.02 -6.01 16.83
N LEU B 17 11.86 -6.68 16.80
CA LEU B 17 10.65 -6.04 16.30
C LEU B 17 10.39 -4.72 17.02
N ALA B 18 10.47 -4.75 18.36
CA ALA B 18 10.20 -3.56 19.15
C ALA B 18 11.27 -2.49 18.93
N ARG B 19 12.55 -2.88 18.90
CA ARG B 19 13.64 -1.94 18.66
C ARG B 19 13.47 -1.25 17.30
N ARG B 20 13.14 -2.01 16.26
CA ARG B 20 12.84 -1.43 14.96
C ARG B 20 11.69 -0.42 15.06
N GLY B 21 10.68 -0.74 15.86
CA GLY B 21 9.59 0.18 16.14
C GLY B 21 9.94 1.34 17.05
N GLY B 22 11.19 1.44 17.48
CA GLY B 22 11.66 2.54 18.30
C GLY B 22 11.68 2.31 19.81
N VAL B 23 11.47 1.09 20.27
CA VAL B 23 11.36 0.79 21.70
C VAL B 23 12.75 0.60 22.31
N LYS B 24 12.94 1.15 23.52
CA LYS B 24 14.21 1.13 24.23
C LYS B 24 14.29 0.10 25.35
N ARG B 25 13.23 -0.07 26.14
CA ARG B 25 13.18 -1.07 27.21
C ARG B 25 11.91 -1.90 27.06
N ILE B 26 12.01 -3.21 27.31
CA ILE B 26 10.90 -4.13 27.08
C ILE B 26 10.63 -4.92 28.34
N SER B 27 9.38 -4.89 28.81
CA SER B 27 8.98 -5.66 29.98
C SER B 27 8.99 -7.16 29.68
N GLY B 28 9.27 -7.95 30.72
CA GLY B 28 9.31 -9.40 30.58
C GLY B 28 7.99 -10.02 30.21
N LEU B 29 6.88 -9.28 30.37
CA LEU B 29 5.56 -9.80 30.04
C LEU B 29 5.15 -9.49 28.61
N ILE B 30 5.89 -8.63 27.92
CA ILE B 30 5.56 -8.24 26.55
C ILE B 30 5.66 -9.42 25.61
N TYR B 31 6.54 -10.36 25.90
CA TYR B 31 6.71 -11.52 25.03
C TYR B 31 5.45 -12.37 25.04
N GLU B 32 4.92 -12.64 26.24
CA GLU B 32 3.66 -13.35 26.39
C GLU B 32 2.50 -12.62 25.71
N GLU B 33 2.46 -11.28 25.84
CA GLU B 33 1.37 -10.49 25.26
C GLU B 33 1.45 -10.46 23.73
N THR B 34 2.65 -10.26 23.20
CA THR B 34 2.84 -10.10 21.76
C THR B 34 2.56 -11.39 21.02
N ARG B 35 2.94 -12.53 21.61
CA ARG B 35 2.60 -13.81 20.97
C ARG B 35 1.09 -13.95 20.81
N GLY B 36 0.32 -13.60 21.84
CA GLY B 36 -1.13 -13.63 21.72
C GLY B 36 -1.64 -12.73 20.60
N VAL B 37 -1.14 -11.49 20.55
CA VAL B 37 -1.57 -10.55 19.51
C VAL B 37 -1.24 -11.10 18.13
N LEU B 38 -0.01 -11.57 17.94
CA LEU B 38 0.43 -12.10 16.66
C LEU B 38 -0.44 -13.28 16.23
N LYS B 39 -0.77 -14.15 17.18
CA LYS B 39 -1.63 -15.29 16.88
C LYS B 39 -3.00 -14.84 16.39
N VAL B 40 -3.59 -13.83 17.06
CA VAL B 40 -4.89 -13.30 16.61
C VAL B 40 -4.78 -12.76 15.18
N PHE B 41 -3.75 -11.96 14.91
CA PHE B 41 -3.59 -11.36 13.58
C PHE B 41 -3.41 -12.44 12.51
N LEU B 42 -2.50 -13.38 12.76
CA LEU B 42 -2.29 -14.48 11.82
C LEU B 42 -3.55 -15.28 11.58
N GLU B 43 -4.33 -15.56 12.63
CA GLU B 43 -5.57 -16.30 12.45
C GLU B 43 -6.49 -15.55 11.49
N ASN B 44 -6.65 -14.25 11.68
CA ASN B 44 -7.58 -13.50 10.83
C ASN B 44 -7.11 -13.46 9.38
N VAL B 45 -5.80 -13.36 9.12
CA VAL B 45 -5.33 -13.33 7.72
C VAL B 45 -5.41 -14.72 7.10
N ILE B 46 -4.95 -15.75 7.83
CA ILE B 46 -4.88 -17.10 7.29
C ILE B 46 -6.28 -17.65 7.04
N ARG B 47 -7.25 -17.34 7.92
CA ARG B 47 -8.62 -17.79 7.70
C ARG B 47 -9.14 -17.34 6.33
N ASP B 48 -8.89 -16.08 5.97
CA ASP B 48 -9.36 -15.57 4.68
C ASP B 48 -8.55 -16.15 3.51
N ALA B 49 -7.23 -16.21 3.65
CA ALA B 49 -6.43 -16.79 2.56
C ALA B 49 -6.87 -18.22 2.27
N VAL B 50 -7.15 -18.99 3.32
CA VAL B 50 -7.70 -20.33 3.17
C VAL B 50 -9.10 -20.27 2.55
N THR B 51 -9.92 -19.30 2.95
CA THR B 51 -11.26 -19.18 2.37
C THR B 51 -11.22 -18.91 0.87
N TYR B 52 -10.32 -18.03 0.43
CA TYR B 52 -10.13 -17.81 -1.01
C TYR B 52 -9.64 -19.07 -1.70
N THR B 53 -8.65 -19.75 -1.10
CA THR B 53 -8.14 -21.00 -1.67
C THR B 53 -9.25 -22.04 -1.81
N GLU B 54 -10.07 -22.17 -0.78
CA GLU B 54 -11.15 -23.14 -0.74
C GLU B 54 -12.26 -22.77 -1.73
N HIS B 55 -12.55 -21.49 -1.88
CA HIS B 55 -13.51 -21.07 -2.88
C HIS B 55 -13.05 -21.46 -4.28
N ALA B 56 -11.79 -21.17 -4.60
CA ALA B 56 -11.17 -21.52 -5.86
C ALA B 56 -10.94 -23.03 -6.02
N LYS B 57 -11.36 -23.85 -5.05
CA LYS B 57 -11.19 -25.30 -5.06
C LYS B 57 -9.74 -25.72 -5.17
N ARG B 58 -8.80 -24.84 -4.79
CA ARG B 58 -7.39 -25.17 -4.73
C ARG B 58 -7.05 -25.81 -3.39
N LYS B 59 -5.85 -26.39 -3.33
CA LYS B 59 -5.27 -26.86 -2.07
C LYS B 59 -4.00 -26.13 -1.69
N THR B 60 -3.48 -25.27 -2.57
CA THR B 60 -2.28 -24.50 -2.33
C THR B 60 -2.67 -23.04 -2.07
N VAL B 61 -2.33 -22.52 -0.89
CA VAL B 61 -2.54 -21.11 -0.60
C VAL B 61 -1.47 -20.30 -1.35
N THR B 62 -1.92 -19.38 -2.21
CA THR B 62 -0.99 -18.58 -3.00
C THR B 62 -0.69 -17.25 -2.32
N ALA B 63 0.37 -16.60 -2.78
CA ALA B 63 0.66 -15.24 -2.35
C ALA B 63 -0.49 -14.29 -2.70
N MET B 64 -1.21 -14.57 -3.78
CA MET B 64 -2.35 -13.72 -4.14
C MET B 64 -3.50 -13.88 -3.16
N ASP B 65 -3.73 -15.09 -2.64
CA ASP B 65 -4.77 -15.23 -1.61
C ASP B 65 -4.42 -14.43 -0.37
N VAL B 66 -3.14 -14.44 0.03
CA VAL B 66 -2.69 -13.64 1.17
C VAL B 66 -2.85 -12.15 0.88
N VAL B 67 -2.43 -11.72 -0.31
CA VAL B 67 -2.55 -10.31 -0.69
C VAL B 67 -4.01 -9.89 -0.72
N TYR B 68 -4.91 -10.76 -1.17
CA TYR B 68 -6.34 -10.45 -1.17
C TYR B 68 -6.88 -10.35 0.26
N ALA B 69 -6.45 -11.24 1.15
CA ALA B 69 -6.86 -11.14 2.54
C ALA B 69 -6.38 -9.83 3.16
N LEU B 70 -5.14 -9.43 2.85
CA LEU B 70 -4.58 -8.19 3.39
C LEU B 70 -5.25 -6.95 2.78
N LYS B 71 -5.46 -6.95 1.46
CA LYS B 71 -6.21 -5.87 0.82
C LYS B 71 -7.60 -5.74 1.44
N ARG B 72 -8.22 -6.89 1.75
CA ARG B 72 -9.56 -6.88 2.33
C ARG B 72 -9.58 -6.24 3.72
N GLN B 73 -8.56 -6.52 4.55
CA GLN B 73 -8.50 -5.94 5.90
C GLN B 73 -8.03 -4.48 5.91
N GLY B 74 -7.68 -3.91 4.77
CA GLY B 74 -7.15 -2.56 4.75
C GLY B 74 -5.69 -2.45 5.15
N ARG B 75 -4.90 -3.49 4.89
CA ARG B 75 -3.45 -3.52 5.14
C ARG B 75 -2.72 -3.98 3.88
N THR B 76 -3.03 -3.30 2.76
CA THR B 76 -2.56 -3.66 1.42
C THR B 76 -1.05 -3.87 1.38
N LEU B 77 -0.61 -4.84 0.55
CA LEU B 77 0.79 -5.24 0.46
C LEU B 77 1.26 -5.22 -0.99
N TYR B 78 2.40 -4.58 -1.24
CA TYR B 78 3.00 -4.45 -2.57
C TYR B 78 4.21 -5.35 -2.72
N GLY B 79 4.45 -5.84 -3.94
CA GLY B 79 5.63 -6.62 -4.29
C GLY B 79 5.37 -8.10 -4.48
N PHE B 80 4.24 -8.58 -3.97
CA PHE B 80 3.81 -9.96 -4.12
C PHE B 80 2.69 -10.11 -5.14
N GLY B 81 2.39 -9.06 -5.90
CA GLY B 81 1.27 -9.02 -6.81
C GLY B 81 0.37 -7.82 -6.50
N GLY B 82 -0.71 -7.71 -7.28
CA GLY B 82 -1.58 -6.55 -7.16
C GLY B 82 -3.01 -6.75 -7.64
N GLY C 1 -35.05 -27.67 6.55
CA GLY C 1 -35.90 -27.54 5.38
C GLY C 1 -37.37 -27.84 5.66
N LYS C 2 -38.22 -27.53 4.67
CA LYS C 2 -39.66 -27.74 4.78
C LYS C 2 -40.23 -27.94 3.37
N ALA C 3 -41.38 -28.61 3.31
CA ALA C 3 -41.99 -29.01 2.04
C ALA C 3 -42.36 -27.80 1.18
N ARG C 4 -42.35 -28.00 -0.15
CA ARG C 4 -42.65 -26.93 -1.10
C ARG C 4 -44.12 -26.51 -1.03
N ALA C 5 -44.35 -25.20 -0.99
CA ALA C 5 -45.66 -24.60 -1.22
C ALA C 5 -45.69 -24.06 -2.65
N LYS C 6 -46.67 -24.50 -3.43
CA LYS C 6 -46.83 -23.99 -4.81
C LYS C 6 -47.13 -22.49 -4.81
N ALA C 7 -46.40 -21.75 -5.65
CA ALA C 7 -46.59 -20.31 -5.79
C ALA C 7 -45.90 -19.80 -7.07
N LYS C 8 -46.38 -18.65 -7.56
CA LYS C 8 -45.70 -17.96 -8.66
C LYS C 8 -44.44 -17.24 -8.17
N THR C 9 -44.55 -16.49 -7.08
CA THR C 9 -43.45 -15.66 -6.60
C THR C 9 -42.28 -16.51 -6.13
N ARG C 10 -41.06 -16.16 -6.59
CA ARG C 10 -39.88 -16.94 -6.23
C ARG C 10 -39.62 -16.92 -4.72
N SER C 11 -39.96 -15.84 -4.04
CA SER C 11 -39.85 -15.81 -2.58
C SER C 11 -40.70 -16.91 -1.95
N SER C 12 -41.98 -16.97 -2.32
CA SER C 12 -42.88 -17.97 -1.78
C SER C 12 -42.40 -19.38 -2.12
N ARG C 13 -41.85 -19.54 -3.33
CA ARG C 13 -41.31 -20.83 -3.77
C ARG C 13 -40.05 -21.21 -2.97
N ALA C 14 -39.28 -20.21 -2.53
CA ALA C 14 -38.08 -20.42 -1.72
C ALA C 14 -38.37 -20.46 -0.22
N GLY C 15 -39.57 -20.08 0.22
CA GLY C 15 -39.87 -20.02 1.64
C GLY C 15 -39.35 -18.77 2.34
N LEU C 16 -39.37 -17.63 1.66
CA LEU C 16 -38.81 -16.39 2.17
C LEU C 16 -39.86 -15.28 2.20
N GLN C 17 -39.68 -14.34 3.13
CA GLN C 17 -40.42 -13.09 3.09
C GLN C 17 -39.76 -12.07 2.15
N PHE C 18 -38.42 -12.06 2.12
CA PHE C 18 -37.70 -11.07 1.33
C PHE C 18 -37.86 -11.32 -0.18
N PRO C 19 -37.81 -10.25 -1.00
CA PRO C 19 -38.16 -10.36 -2.41
C PRO C 19 -37.03 -10.87 -3.30
N VAL C 20 -37.13 -12.12 -3.76
CA VAL C 20 -36.11 -12.68 -4.63
C VAL C 20 -36.03 -11.90 -5.94
N GLY C 21 -37.18 -11.45 -6.45
CA GLY C 21 -37.19 -10.68 -7.69
C GLY C 21 -36.41 -9.39 -7.59
N ARG C 22 -36.68 -8.59 -6.55
CA ARG C 22 -35.99 -7.31 -6.39
C ARG C 22 -34.49 -7.51 -6.17
N VAL C 23 -34.11 -8.55 -5.40
CA VAL C 23 -32.70 -8.85 -5.21
C VAL C 23 -32.03 -9.24 -6.53
N HIS C 24 -32.74 -10.01 -7.37
CA HIS C 24 -32.23 -10.36 -8.69
C HIS C 24 -32.05 -9.12 -9.57
N ARG C 25 -33.07 -8.24 -9.57
CA ARG C 25 -33.00 -7.02 -10.37
C ARG C 25 -31.82 -6.16 -9.95
N LEU C 26 -31.61 -6.00 -8.64
CA LEU C 26 -30.51 -5.18 -8.16
C LEU C 26 -29.15 -5.80 -8.48
N LEU C 27 -29.03 -7.13 -8.41
CA LEU C 27 -27.79 -7.78 -8.83
C LEU C 27 -27.52 -7.53 -10.31
N ARG C 28 -28.55 -7.60 -11.15
CA ARG C 28 -28.34 -7.41 -12.59
C ARG C 28 -28.01 -5.97 -12.93
N LYS C 29 -28.76 -5.00 -12.38
CA LYS C 29 -28.55 -3.61 -12.75
C LYS C 29 -27.35 -2.98 -12.06
N GLY C 30 -26.87 -3.57 -10.96
CA GLY C 30 -25.78 -3.01 -10.19
C GLY C 30 -24.38 -3.22 -10.73
N ASN C 31 -24.24 -3.80 -11.93
CA ASN C 31 -22.95 -4.06 -12.57
C ASN C 31 -22.02 -4.97 -11.76
N TYR C 32 -22.55 -5.77 -10.81
CA TYR C 32 -21.69 -6.62 -9.99
C TYR C 32 -21.01 -7.71 -10.80
N SER C 33 -21.64 -8.17 -11.88
CA SER C 33 -21.02 -9.16 -12.77
C SER C 33 -21.75 -9.14 -14.11
N GLU C 34 -21.11 -9.74 -15.12
CA GLU C 34 -21.75 -9.84 -16.43
C GLU C 34 -23.02 -10.70 -16.36
N ARG C 35 -23.02 -11.73 -15.52
CA ARG C 35 -24.10 -12.71 -15.47
C ARG C 35 -24.41 -13.03 -14.00
N VAL C 36 -25.68 -13.36 -13.72
CA VAL C 36 -26.14 -13.63 -12.35
C VAL C 36 -26.90 -14.96 -12.34
N GLY C 37 -26.37 -15.94 -11.62
CA GLY C 37 -26.99 -17.25 -11.58
C GLY C 37 -28.34 -17.26 -10.90
N ALA C 38 -29.19 -18.21 -11.29
CA ALA C 38 -30.56 -18.23 -10.81
C ALA C 38 -30.65 -18.48 -9.30
N GLY C 39 -29.76 -19.30 -8.75
CA GLY C 39 -29.72 -19.52 -7.31
C GLY C 39 -29.09 -18.40 -6.52
N ALA C 40 -28.38 -17.50 -7.18
CA ALA C 40 -27.68 -16.42 -6.47
C ALA C 40 -28.62 -15.52 -5.69
N PRO C 41 -29.66 -14.91 -6.29
CA PRO C 41 -30.56 -14.06 -5.49
C PRO C 41 -31.32 -14.82 -4.42
N VAL C 42 -31.62 -16.11 -4.61
CA VAL C 42 -32.29 -16.86 -3.56
C VAL C 42 -31.41 -16.96 -2.32
N TYR C 43 -30.14 -17.34 -2.52
CA TYR C 43 -29.20 -17.41 -1.40
C TYR C 43 -29.06 -16.05 -0.73
N LEU C 44 -28.92 -14.99 -1.52
CA LEU C 44 -28.70 -13.66 -0.95
C LEU C 44 -29.93 -13.15 -0.20
N ALA C 45 -31.13 -13.37 -0.74
CA ALA C 45 -32.35 -12.97 -0.06
C ALA C 45 -32.49 -13.69 1.28
N ALA C 46 -32.16 -14.98 1.32
CA ALA C 46 -32.20 -15.70 2.59
C ALA C 46 -31.26 -15.10 3.62
N VAL C 47 -30.05 -14.72 3.19
CA VAL C 47 -29.07 -14.13 4.10
C VAL C 47 -29.56 -12.80 4.65
N LEU C 48 -30.05 -11.92 3.77
CA LEU C 48 -30.54 -10.61 4.20
C LEU C 48 -31.70 -10.76 5.18
N GLU C 49 -32.62 -11.68 4.90
CA GLU C 49 -33.74 -11.92 5.81
C GLU C 49 -33.27 -12.42 7.16
N TYR C 50 -32.32 -13.37 7.17
CA TYR C 50 -31.83 -13.90 8.44
C TYR C 50 -31.22 -12.79 9.31
N LEU C 51 -30.32 -11.99 8.72
CA LEU C 51 -29.70 -10.90 9.48
C LEU C 51 -30.74 -9.91 9.99
N THR C 52 -31.73 -9.61 9.15
CA THR C 52 -32.82 -8.71 9.56
C THR C 52 -33.56 -9.28 10.77
N ALA C 53 -33.82 -10.60 10.76
CA ALA C 53 -34.52 -11.23 11.88
C ALA C 53 -33.70 -11.15 13.16
N GLU C 54 -32.38 -11.35 13.07
CA GLU C 54 -31.54 -11.24 14.27
C GLU C 54 -31.66 -9.85 14.89
N ILE C 55 -31.46 -8.80 14.08
CA ILE C 55 -31.50 -7.45 14.64
C ILE C 55 -32.87 -7.15 15.23
N LEU C 56 -33.94 -7.50 14.52
CA LEU C 56 -35.28 -7.20 15.02
C LEU C 56 -35.61 -7.98 16.29
N GLU C 57 -35.11 -9.21 16.42
CA GLU C 57 -35.32 -9.96 17.66
C GLU C 57 -34.68 -9.23 18.84
N LEU C 58 -33.41 -8.88 18.71
CA LEU C 58 -32.71 -8.20 19.79
C LEU C 58 -33.34 -6.83 20.08
N ALA C 59 -33.74 -6.12 19.04
CA ALA C 59 -34.36 -4.80 19.20
C ALA C 59 -35.70 -4.90 19.91
N GLY C 60 -36.52 -5.90 19.58
CA GLY C 60 -37.76 -6.09 20.30
C GLY C 60 -37.54 -6.46 21.75
N ASN C 61 -36.51 -7.26 22.04
CA ASN C 61 -36.15 -7.52 23.42
C ASN C 61 -35.82 -6.21 24.15
N ALA C 62 -34.95 -5.39 23.55
CA ALA C 62 -34.59 -4.11 24.15
C ALA C 62 -35.81 -3.20 24.34
N ALA C 63 -36.75 -3.23 23.38
CA ALA C 63 -37.97 -2.43 23.51
C ALA C 63 -38.80 -2.90 24.70
N ARG C 64 -39.00 -4.21 24.83
CA ARG C 64 -39.71 -4.76 25.97
C ARG C 64 -39.01 -4.41 27.29
N ASP C 65 -37.69 -4.49 27.31
CA ASP C 65 -36.93 -4.13 28.51
C ASP C 65 -37.09 -2.66 28.87
N ASN C 66 -37.22 -1.79 27.87
CA ASN C 66 -37.55 -0.38 28.07
C ASN C 66 -39.05 -0.14 28.27
N LYS C 67 -39.84 -1.22 28.37
CA LYS C 67 -41.29 -1.16 28.64
C LYS C 67 -42.07 -0.40 27.55
N LYS C 68 -41.64 -0.53 26.29
CA LYS C 68 -42.29 0.13 25.16
C LYS C 68 -42.63 -0.89 24.06
N THR C 69 -43.67 -0.58 23.28
CA THR C 69 -44.23 -1.50 22.29
C THR C 69 -43.72 -1.29 20.87
N ARG C 70 -43.11 -0.14 20.56
CA ARG C 70 -42.57 0.13 19.23
C ARG C 70 -41.04 0.21 19.30
N ILE C 71 -40.38 -0.46 18.34
CA ILE C 71 -38.93 -0.37 18.23
C ILE C 71 -38.55 1.02 17.71
N ILE C 72 -37.56 1.64 18.36
CA ILE C 72 -37.06 2.96 17.96
C ILE C 72 -35.53 2.92 17.85
N PRO C 73 -34.89 3.93 17.24
CA PRO C 73 -33.44 3.85 16.98
C PRO C 73 -32.60 3.53 18.22
N ARG C 74 -32.98 4.04 19.38
CA ARG C 74 -32.30 3.71 20.62
C ARG C 74 -32.24 2.20 20.83
N HIS C 75 -33.35 1.51 20.56
CA HIS C 75 -33.39 0.06 20.72
C HIS C 75 -32.49 -0.64 19.70
N LEU C 76 -32.39 -0.10 18.48
CA LEU C 76 -31.47 -0.68 17.51
C LEU C 76 -30.02 -0.54 17.98
N GLN C 77 -29.63 0.65 18.43
CA GLN C 77 -28.26 0.84 18.93
C GLN C 77 -27.98 -0.07 20.12
N LEU C 78 -28.91 -0.15 21.07
CA LEU C 78 -28.76 -1.06 22.20
C LEU C 78 -28.61 -2.50 21.73
N ALA C 79 -29.42 -2.92 20.76
CA ALA C 79 -29.35 -4.28 20.24
C ALA C 79 -28.00 -4.54 19.58
N ILE C 80 -27.49 -3.59 18.80
CA ILE C 80 -26.20 -3.79 18.12
C ILE C 80 -25.07 -3.90 19.14
N ARG C 81 -24.91 -2.88 20.00
CA ARG C 81 -23.69 -2.80 20.80
C ARG C 81 -23.62 -3.84 21.91
N ASN C 82 -24.75 -4.46 22.28
CA ASN C 82 -24.74 -5.52 23.28
C ASN C 82 -24.49 -6.92 22.68
N ASP C 83 -24.45 -7.06 21.35
CA ASP C 83 -24.17 -8.35 20.70
C ASP C 83 -22.83 -8.28 19.99
N GLU C 84 -21.93 -9.20 20.32
CA GLU C 84 -20.56 -9.10 19.84
C GLU C 84 -20.47 -9.25 18.32
N GLU C 85 -21.18 -10.24 17.75
CA GLU C 85 -21.11 -10.44 16.30
C GLU C 85 -21.68 -9.24 15.54
N LEU C 86 -22.85 -8.75 15.96
CA LEU C 86 -23.41 -7.57 15.29
C LEU C 86 -22.50 -6.35 15.48
N ASN C 87 -21.89 -6.21 16.66
CA ASN C 87 -20.99 -5.09 16.87
C ASN C 87 -19.72 -5.21 16.03
N LYS C 88 -19.30 -6.45 15.71
CA LYS C 88 -18.19 -6.63 14.77
C LYS C 88 -18.64 -6.35 13.34
N LEU C 89 -19.88 -6.72 13.00
CA LEU C 89 -20.42 -6.47 11.66
C LEU C 89 -20.64 -4.98 11.43
N LEU C 90 -21.04 -4.25 12.47
CA LEU C 90 -21.45 -2.84 12.36
C LEU C 90 -20.55 -1.93 13.20
N GLY C 91 -19.28 -2.32 13.41
CA GLY C 91 -18.42 -1.57 14.31
C GLY C 91 -18.18 -0.13 13.89
N ARG C 92 -18.02 0.09 12.58
CA ARG C 92 -17.78 1.44 12.06
C ARG C 92 -19.06 2.25 11.86
N VAL C 93 -20.24 1.64 11.97
CA VAL C 93 -21.50 2.29 11.60
C VAL C 93 -21.97 3.25 12.69
N THR C 94 -22.47 4.41 12.27
CA THR C 94 -23.19 5.35 13.12
C THR C 94 -24.68 5.22 12.85
N ILE C 95 -25.46 5.09 13.92
CA ILE C 95 -26.92 4.96 13.83
C ILE C 95 -27.55 6.26 14.33
N ALA C 96 -28.31 6.92 13.46
CA ALA C 96 -28.87 8.23 13.79
C ALA C 96 -29.79 8.15 15.00
N GLN C 97 -29.55 9.03 15.97
CA GLN C 97 -30.31 9.14 17.21
C GLN C 97 -30.19 7.90 18.12
N GLY C 98 -29.15 7.10 17.96
CA GLY C 98 -28.99 5.90 18.79
C GLY C 98 -28.42 6.16 20.16
N GLY C 99 -27.65 7.23 20.34
CA GLY C 99 -26.91 7.44 21.57
C GLY C 99 -25.78 6.42 21.72
N VAL C 100 -25.38 6.17 22.98
CA VAL C 100 -24.32 5.22 23.30
C VAL C 100 -24.74 4.38 24.50
N LEU C 101 -24.03 3.27 24.72
CA LEU C 101 -24.23 2.47 25.93
C LEU C 101 -23.82 3.28 27.17
N PRO C 102 -24.42 3.00 28.33
CA PRO C 102 -24.03 3.73 29.57
C PRO C 102 -22.67 3.29 30.11
N ASN C 103 -21.61 3.78 29.46
CA ASN C 103 -20.23 3.49 29.85
C ASN C 103 -19.76 4.49 30.91
N ILE C 104 -19.78 4.08 32.18
CA ILE C 104 -19.07 4.78 33.25
C ILE C 104 -18.00 3.83 33.80
N GLN C 105 -16.73 4.25 33.73
CA GLN C 105 -15.62 3.39 34.11
C GLN C 105 -15.40 3.40 35.62
N ALA C 106 -15.01 2.23 36.16
CA ALA C 106 -15.00 2.01 37.61
C ALA C 106 -14.08 2.99 38.35
N VAL C 107 -12.98 3.42 37.71
CA VAL C 107 -12.05 4.36 38.33
C VAL C 107 -12.66 5.73 38.62
N LEU C 108 -13.84 6.01 38.07
CA LEU C 108 -14.51 7.29 38.24
C LEU C 108 -15.40 7.33 39.48
N LEU C 109 -15.83 6.17 39.96
CA LEU C 109 -16.89 6.06 40.96
C LEU C 109 -16.42 6.36 42.38
N SER D 1 -44.15 9.25 -10.22
CA SER D 1 -42.96 9.21 -9.37
C SER D 1 -43.10 8.08 -8.33
N ARG D 2 -42.04 7.29 -8.15
CA ARG D 2 -42.02 6.16 -7.23
C ARG D 2 -40.63 5.95 -6.66
N LYS D 3 -40.57 5.35 -5.46
CA LYS D 3 -39.31 4.88 -4.85
C LYS D 3 -39.57 3.57 -4.13
N GLU D 4 -38.66 2.61 -4.26
CA GLU D 4 -38.82 1.27 -3.70
C GLU D 4 -37.93 1.08 -2.47
N SER D 5 -38.45 0.39 -1.45
CA SER D 5 -37.76 0.18 -0.18
C SER D 5 -38.05 -1.22 0.34
N TYR D 6 -37.29 -1.65 1.36
CA TYR D 6 -37.48 -2.95 1.98
C TYR D 6 -38.44 -2.91 3.18
N SER D 7 -39.06 -1.76 3.45
CA SER D 7 -39.82 -1.58 4.69
C SER D 7 -40.93 -2.61 4.85
N ILE D 8 -41.60 -3.01 3.76
CA ILE D 8 -42.69 -3.97 3.88
C ILE D 8 -42.18 -5.33 4.37
N TYR D 9 -40.98 -5.74 3.93
CA TYR D 9 -40.43 -7.02 4.37
C TYR D 9 -39.87 -6.93 5.78
N VAL D 10 -39.23 -5.80 6.11
CA VAL D 10 -38.83 -5.56 7.50
C VAL D 10 -40.04 -5.68 8.41
N TYR D 11 -41.17 -5.12 7.99
CA TYR D 11 -42.40 -5.21 8.78
C TYR D 11 -42.89 -6.65 8.89
N LYS D 12 -42.86 -7.40 7.79
CA LYS D 12 -43.30 -8.80 7.86
C LYS D 12 -42.40 -9.62 8.79
N VAL D 13 -41.09 -9.47 8.65
CA VAL D 13 -40.15 -10.20 9.50
C VAL D 13 -40.40 -9.85 10.96
N LEU D 14 -40.57 -8.57 11.27
CA LEU D 14 -40.88 -8.18 12.65
C LEU D 14 -42.18 -8.82 13.12
N LYS D 15 -43.21 -8.82 12.27
CA LYS D 15 -44.48 -9.43 12.65
C LYS D 15 -44.33 -10.91 12.98
N GLN D 16 -43.37 -11.59 12.35
CA GLN D 16 -43.09 -12.98 12.70
C GLN D 16 -42.22 -13.11 13.96
N VAL D 17 -41.27 -12.20 14.14
CA VAL D 17 -40.28 -12.30 15.22
C VAL D 17 -40.86 -11.83 16.56
N HIS D 18 -41.65 -10.76 16.57
CA HIS D 18 -42.31 -10.24 17.77
C HIS D 18 -43.71 -9.76 17.37
N PRO D 19 -44.70 -10.65 17.37
CA PRO D 19 -45.97 -10.34 16.67
C PRO D 19 -46.75 -9.13 17.18
N ASP D 20 -46.57 -8.70 18.42
CA ASP D 20 -47.31 -7.57 18.96
C ASP D 20 -46.59 -6.23 18.82
N THR D 21 -45.38 -6.23 18.26
CA THR D 21 -44.44 -5.12 18.39
C THR D 21 -44.37 -4.30 17.10
N GLY D 22 -44.49 -2.97 17.24
CA GLY D 22 -44.41 -2.06 16.11
C GLY D 22 -42.99 -1.59 15.86
N ILE D 23 -42.82 -0.78 14.80
CA ILE D 23 -41.52 -0.23 14.45
C ILE D 23 -41.68 1.20 13.92
N SER D 24 -41.03 2.15 14.58
CA SER D 24 -41.06 3.54 14.16
C SER D 24 -40.38 3.73 12.81
N SER D 25 -40.83 4.76 12.10
CA SER D 25 -40.28 5.10 10.78
C SER D 25 -38.77 5.29 10.82
N LYS D 26 -38.22 5.85 11.90
CA LYS D 26 -36.77 6.04 11.97
C LYS D 26 -36.04 4.71 12.07
N ALA D 27 -36.54 3.81 12.93
CA ALA D 27 -35.99 2.46 12.97
C ALA D 27 -36.15 1.77 11.62
N MET D 28 -37.26 2.01 10.93
CA MET D 28 -37.46 1.45 9.60
C MET D 28 -36.40 1.97 8.62
N GLY D 29 -36.08 3.26 8.68
CA GLY D 29 -35.04 3.80 7.82
C GLY D 29 -33.69 3.16 8.09
N ILE D 30 -33.38 2.96 9.38
CA ILE D 30 -32.11 2.32 9.75
C ILE D 30 -32.06 0.88 9.24
N MET D 31 -33.14 0.12 9.44
CA MET D 31 -33.18 -1.25 8.95
C MET D 31 -33.05 -1.30 7.44
N ASN D 32 -33.69 -0.36 6.74
CA ASN D 32 -33.62 -0.29 5.29
C ASN D 32 -32.18 -0.04 4.84
N SER D 33 -31.49 0.92 5.48
CA SER D 33 -30.09 1.16 5.16
C SER D 33 -29.20 -0.03 5.51
N PHE D 34 -29.52 -0.75 6.58
CA PHE D 34 -28.78 -1.96 6.91
C PHE D 34 -28.89 -2.99 5.79
N VAL D 35 -30.11 -3.23 5.31
CA VAL D 35 -30.30 -4.13 4.17
C VAL D 35 -29.48 -3.67 2.97
N ASN D 36 -29.53 -2.37 2.67
CA ASN D 36 -28.77 -1.83 1.54
C ASN D 36 -27.27 -2.11 1.69
N ASP D 37 -26.71 -1.81 2.88
CA ASP D 37 -25.28 -1.98 3.10
C ASP D 37 -24.87 -3.45 2.96
N ILE D 38 -25.58 -4.34 3.64
CA ILE D 38 -25.22 -5.76 3.61
C ILE D 38 -25.31 -6.32 2.19
N PHE D 39 -26.38 -5.96 1.46
CA PHE D 39 -26.49 -6.35 0.06
C PHE D 39 -25.26 -5.89 -0.72
N GLU D 40 -24.88 -4.62 -0.55
CA GLU D 40 -23.75 -4.07 -1.28
C GLU D 40 -22.44 -4.79 -0.93
N ARG D 41 -22.26 -5.15 0.35
CA ARG D 41 -21.03 -5.85 0.75
C ARG D 41 -20.95 -7.22 0.12
N ILE D 42 -22.02 -8.02 0.23
CA ILE D 42 -21.99 -9.38 -0.29
C ILE D 42 -21.84 -9.37 -1.80
N ALA D 43 -22.57 -8.47 -2.47
CA ALA D 43 -22.47 -8.36 -3.93
C ALA D 43 -21.09 -7.88 -4.36
N GLY D 44 -20.52 -6.90 -3.65
CA GLY D 44 -19.16 -6.46 -3.96
C GLY D 44 -18.14 -7.57 -3.80
N GLU D 45 -18.25 -8.34 -2.71
CA GLU D 45 -17.29 -9.42 -2.48
C GLU D 45 -17.51 -10.56 -3.46
N ALA D 46 -18.75 -10.88 -3.79
CA ALA D 46 -19.04 -11.86 -4.82
C ALA D 46 -18.48 -11.42 -6.16
N SER D 47 -18.59 -10.13 -6.47
CA SER D 47 -17.98 -9.57 -7.68
C SER D 47 -16.47 -9.72 -7.64
N ARG D 48 -15.85 -9.36 -6.51
CA ARG D 48 -14.41 -9.48 -6.37
C ARG D 48 -13.95 -10.92 -6.49
N LEU D 49 -14.73 -11.87 -5.96
CA LEU D 49 -14.42 -13.28 -6.07
C LEU D 49 -14.55 -13.77 -7.52
N ALA D 50 -15.63 -13.38 -8.19
CA ALA D 50 -15.81 -13.74 -9.59
C ALA D 50 -14.65 -13.22 -10.43
N HIS D 51 -14.22 -11.98 -10.17
CA HIS D 51 -13.17 -11.33 -10.94
C HIS D 51 -11.75 -11.72 -10.49
N TYR D 52 -11.61 -12.23 -9.27
CA TYR D 52 -10.32 -12.79 -8.83
C TYR D 52 -10.04 -14.08 -9.56
N ASN D 53 -11.07 -14.91 -9.71
CA ASN D 53 -11.08 -15.97 -10.70
C ASN D 53 -11.32 -15.35 -12.08
N LYS D 54 -11.27 -16.19 -13.11
CA LYS D 54 -11.62 -15.75 -14.47
C LYS D 54 -13.06 -16.06 -14.80
N ARG D 55 -13.98 -15.67 -13.93
CA ARG D 55 -15.37 -16.12 -13.97
C ARG D 55 -16.31 -14.94 -14.16
N SER D 56 -17.26 -15.10 -15.10
CA SER D 56 -18.18 -14.02 -15.46
C SER D 56 -19.48 -14.03 -14.66
N THR D 57 -19.84 -15.13 -14.00
CA THR D 57 -21.13 -15.27 -13.33
C THR D 57 -20.97 -15.22 -11.81
N ILE D 58 -21.85 -14.48 -11.15
CA ILE D 58 -22.03 -14.59 -9.69
C ILE D 58 -23.01 -15.72 -9.42
N THR D 59 -22.56 -16.75 -8.70
CA THR D 59 -23.39 -17.90 -8.34
C THR D 59 -23.53 -17.99 -6.82
N SER D 60 -24.31 -18.98 -6.36
CA SER D 60 -24.44 -19.23 -4.93
C SER D 60 -23.11 -19.62 -4.29
N ARG D 61 -22.14 -20.14 -5.05
CA ARG D 61 -20.83 -20.40 -4.45
C ARG D 61 -20.09 -19.11 -4.14
N GLU D 62 -20.07 -18.16 -5.09
CA GLU D 62 -19.50 -16.84 -4.79
C GLU D 62 -20.15 -16.25 -3.55
N ILE D 63 -21.47 -16.34 -3.45
CA ILE D 63 -22.17 -15.73 -2.32
C ILE D 63 -21.90 -16.47 -1.02
N GLN D 64 -21.86 -17.82 -1.05
CA GLN D 64 -21.55 -18.55 0.17
C GLN D 64 -20.14 -18.19 0.68
N THR D 65 -19.17 -18.16 -0.24
CA THR D 65 -17.82 -17.75 0.15
C THR D 65 -17.81 -16.32 0.69
N ALA D 66 -18.52 -15.42 0.02
CA ALA D 66 -18.58 -14.02 0.46
C ALA D 66 -19.19 -13.91 1.85
N VAL D 67 -20.21 -14.73 2.15
CA VAL D 67 -20.83 -14.68 3.47
C VAL D 67 -19.88 -15.24 4.53
N ARG D 68 -19.16 -16.32 4.21
CA ARG D 68 -18.15 -16.85 5.13
C ARG D 68 -17.07 -15.82 5.43
N LEU D 69 -16.71 -15.02 4.42
CA LEU D 69 -15.69 -13.98 4.60
C LEU D 69 -16.23 -12.80 5.42
N LEU D 70 -17.39 -12.28 5.04
CA LEU D 70 -17.89 -11.03 5.60
C LEU D 70 -18.41 -11.19 7.03
N LEU D 71 -19.15 -12.27 7.32
CA LEU D 71 -19.84 -12.30 8.61
C LEU D 71 -18.94 -12.90 9.70
N PRO D 72 -19.01 -12.36 10.93
CA PRO D 72 -18.16 -12.88 12.02
C PRO D 72 -18.75 -14.12 12.69
N GLY D 73 -17.87 -15.07 12.99
CA GLY D 73 -18.19 -16.16 13.90
C GLY D 73 -19.48 -16.89 13.62
N GLU D 74 -20.27 -17.09 14.68
CA GLU D 74 -21.55 -17.82 14.59
C GLU D 74 -22.49 -17.24 13.54
N LEU D 75 -22.45 -15.91 13.36
CA LEU D 75 -23.36 -15.27 12.43
C LEU D 75 -23.16 -15.79 11.01
N ALA D 76 -21.91 -16.08 10.64
CA ALA D 76 -21.63 -16.70 9.35
C ALA D 76 -22.26 -18.08 9.25
N LYS D 77 -22.10 -18.89 10.29
CA LYS D 77 -22.62 -20.26 10.25
C LYS D 77 -24.14 -20.27 10.06
N HIS D 78 -24.85 -19.45 10.83
CA HIS D 78 -26.31 -19.40 10.70
C HIS D 78 -26.74 -18.83 9.35
N ALA D 79 -26.09 -17.76 8.88
CA ALA D 79 -26.45 -17.17 7.59
C ALA D 79 -26.21 -18.15 6.45
N VAL D 80 -25.07 -18.85 6.47
CA VAL D 80 -24.76 -19.86 5.46
C VAL D 80 -25.79 -20.98 5.49
N SER D 81 -26.21 -21.39 6.69
CA SER D 81 -27.26 -22.41 6.80
C SER D 81 -28.56 -21.92 6.16
N GLU D 82 -28.97 -20.70 6.48
CA GLU D 82 -30.20 -20.14 5.91
C GLU D 82 -30.13 -20.07 4.38
N GLY D 83 -29.03 -19.54 3.84
CA GLY D 83 -28.88 -19.50 2.39
C GLY D 83 -28.98 -20.88 1.76
N THR D 84 -28.26 -21.85 2.33
CA THR D 84 -28.27 -23.20 1.79
C THR D 84 -29.67 -23.81 1.85
N LYS D 85 -30.38 -23.60 2.96
CA LYS D 85 -31.73 -24.11 3.11
C LYS D 85 -32.67 -23.50 2.07
N ALA D 86 -32.57 -22.18 1.87
CA ALA D 86 -33.45 -21.52 0.92
C ALA D 86 -33.22 -22.02 -0.50
N VAL D 87 -31.96 -22.10 -0.94
CA VAL D 87 -31.69 -22.63 -2.28
C VAL D 87 -32.17 -24.08 -2.40
N THR D 88 -31.99 -24.87 -1.34
CA THR D 88 -32.47 -26.26 -1.37
C THR D 88 -33.98 -26.30 -1.57
N LYS D 89 -34.73 -25.58 -0.75
CA LYS D 89 -36.19 -25.58 -0.87
C LYS D 89 -36.63 -25.06 -2.24
N TYR D 90 -35.95 -24.03 -2.75
CA TYR D 90 -36.30 -23.42 -4.03
C TYR D 90 -36.09 -24.39 -5.19
N THR D 91 -34.98 -25.13 -5.19
CA THR D 91 -34.68 -26.05 -6.28
C THR D 91 -35.35 -27.42 -6.11
N SER D 92 -35.86 -27.73 -4.91
CA SER D 92 -36.54 -28.98 -4.66
C SER D 92 -37.87 -29.06 -5.41
N ALA D 93 -38.24 -30.30 -5.78
CA ALA D 93 -39.46 -30.61 -6.53
C ALA D 93 -39.61 -29.80 -7.83
N HIS E 1 -26.21 23.51 51.94
CA HIS E 1 -26.11 22.38 51.01
C HIS E 1 -25.40 22.77 49.70
N ARG E 2 -24.57 21.85 49.21
CA ARG E 2 -23.91 21.96 47.91
C ARG E 2 -23.38 20.57 47.56
N TYR E 3 -23.74 20.06 46.38
CA TYR E 3 -23.25 18.74 45.99
C TYR E 3 -21.74 18.77 45.80
N ARG E 4 -21.09 17.66 46.14
CA ARG E 4 -19.63 17.61 46.20
C ARG E 4 -19.04 17.58 44.80
N PRO E 5 -17.89 18.28 44.56
CA PRO E 5 -17.29 18.29 43.21
C PRO E 5 -17.11 16.90 42.61
N GLY E 6 -17.73 16.69 41.44
CA GLY E 6 -17.74 15.41 40.77
C GLY E 6 -19.05 14.66 40.88
N THR E 7 -19.83 14.90 41.94
CA THR E 7 -21.15 14.26 42.05
C THR E 7 -22.06 14.66 40.89
N VAL E 8 -22.11 15.96 40.59
CA VAL E 8 -22.97 16.42 39.51
C VAL E 8 -22.39 16.02 38.15
N ALA E 9 -21.07 15.89 38.04
CA ALA E 9 -20.49 15.34 36.81
C ALA E 9 -20.98 13.91 36.56
N LEU E 10 -21.01 13.08 37.60
CA LEU E 10 -21.53 11.72 37.45
C LEU E 10 -23.03 11.74 37.12
N ARG E 11 -23.78 12.63 37.77
CA ARG E 11 -25.20 12.79 37.44
C ARG E 11 -25.39 13.17 35.97
N GLU E 12 -24.56 14.09 35.47
CA GLU E 12 -24.61 14.49 34.06
C GLU E 12 -24.27 13.33 33.15
N ILE E 13 -23.23 12.55 33.48
CA ILE E 13 -22.88 11.40 32.65
C ILE E 13 -24.06 10.45 32.54
N ARG E 14 -24.68 10.12 33.68
CA ARG E 14 -25.87 9.29 33.69
C ARG E 14 -26.96 9.87 32.79
N ARG E 15 -27.29 11.16 33.00
CA ARG E 15 -28.33 11.82 32.22
C ARG E 15 -28.05 11.73 30.71
N TYR E 16 -26.88 12.20 30.28
CA TYR E 16 -26.63 12.32 28.85
C TYR E 16 -26.43 10.97 28.17
N GLN E 17 -25.87 9.97 28.87
CA GLN E 17 -25.79 8.64 28.28
C GLN E 17 -27.16 7.96 28.23
N LYS E 18 -28.10 8.36 29.09
CA LYS E 18 -29.47 7.85 28.99
C LYS E 18 -30.24 8.49 27.84
N SER E 19 -29.96 9.77 27.55
CA SER E 19 -30.64 10.52 26.50
C SER E 19 -30.14 10.13 25.10
N THR E 20 -30.85 10.64 24.07
CA THR E 20 -30.44 10.49 22.67
C THR E 20 -30.53 11.81 21.89
N GLU E 21 -30.57 12.95 22.57
CA GLU E 21 -30.74 14.25 21.93
C GLU E 21 -29.47 14.70 21.23
N LEU E 22 -29.63 15.59 20.25
CA LEU E 22 -28.50 16.36 19.73
C LEU E 22 -28.07 17.38 20.78
N LEU E 23 -26.76 17.48 21.00
CA LEU E 23 -26.20 18.25 22.10
C LEU E 23 -25.71 19.64 21.69
N ILE E 24 -25.44 19.86 20.40
CA ILE E 24 -25.09 21.19 19.88
C ILE E 24 -26.38 21.88 19.45
N ARG E 25 -26.50 23.18 19.75
CA ARG E 25 -27.64 23.97 19.29
C ARG E 25 -27.68 23.94 17.76
N LYS E 26 -28.87 23.70 17.18
CA LYS E 26 -28.95 23.43 15.75
C LYS E 26 -28.56 24.67 14.92
N LEU E 27 -29.09 25.83 15.28
CA LEU E 27 -28.90 27.02 14.43
C LEU E 27 -27.44 27.46 14.33
N PRO E 28 -26.67 27.59 15.42
CA PRO E 28 -25.26 27.93 15.25
C PRO E 28 -24.46 26.85 14.55
N PHE E 29 -24.83 25.57 14.72
CA PHE E 29 -24.17 24.53 13.94
C PHE E 29 -24.45 24.70 12.45
N GLN E 30 -25.68 25.06 12.10
CA GLN E 30 -26.01 25.33 10.71
C GLN E 30 -25.19 26.50 10.17
N ARG E 31 -25.06 27.57 10.96
CA ARG E 31 -24.24 28.70 10.54
C ARG E 31 -22.77 28.29 10.35
N LEU E 32 -22.27 27.39 11.21
CA LEU E 32 -20.91 26.87 11.05
C LEU E 32 -20.75 26.12 9.74
N VAL E 33 -21.71 25.24 9.43
CA VAL E 33 -21.66 24.49 8.16
C VAL E 33 -21.61 25.45 6.98
N ARG E 34 -22.46 26.49 7.01
CA ARG E 34 -22.47 27.45 5.90
C ARG E 34 -21.15 28.22 5.78
N GLU E 35 -20.60 28.68 6.92
CA GLU E 35 -19.29 29.32 6.89
C GLU E 35 -18.27 28.43 6.20
N ILE E 36 -18.22 27.16 6.58
CA ILE E 36 -17.24 26.26 5.98
C ILE E 36 -17.51 26.06 4.49
N ALA E 37 -18.79 25.99 4.11
CA ALA E 37 -19.15 25.79 2.71
C ALA E 37 -18.72 26.96 1.84
N GLN E 38 -18.61 28.17 2.39
CA GLN E 38 -18.16 29.30 1.57
C GLN E 38 -16.73 29.15 1.03
N ASP E 39 -15.92 28.22 1.55
CA ASP E 39 -14.60 27.97 0.98
C ASP E 39 -14.67 27.13 -0.29
N PHE E 40 -15.69 26.30 -0.43
CA PHE E 40 -15.65 25.21 -1.40
C PHE E 40 -16.46 25.53 -2.64
N LYS E 41 -17.67 26.05 -2.48
CA LYS E 41 -18.44 26.62 -3.57
C LYS E 41 -19.31 27.74 -3.02
N THR E 42 -19.08 28.96 -3.50
CA THR E 42 -19.90 30.08 -3.06
C THR E 42 -21.36 29.82 -3.42
N ASP E 43 -22.27 30.19 -2.52
CA ASP E 43 -23.69 30.33 -2.82
C ASP E 43 -24.38 28.98 -3.07
N LEU E 44 -24.07 27.98 -2.25
CA LEU E 44 -24.81 26.73 -2.22
C LEU E 44 -26.09 26.86 -1.41
N ARG E 45 -27.05 25.98 -1.71
CA ARG E 45 -28.20 25.74 -0.84
C ARG E 45 -27.99 24.40 -0.14
N PHE E 46 -28.36 24.33 1.14
CA PHE E 46 -28.23 23.10 1.92
C PHE E 46 -29.61 22.53 2.20
N GLN E 47 -29.81 21.25 1.88
CA GLN E 47 -31.00 20.58 2.36
C GLN E 47 -30.99 20.51 3.87
N SER E 48 -32.15 20.76 4.48
CA SER E 48 -32.29 20.66 5.93
C SER E 48 -31.81 19.30 6.43
N SER E 49 -32.16 18.24 5.72
CA SER E 49 -31.70 16.90 6.09
C SER E 49 -30.18 16.78 6.02
N ALA E 50 -29.54 17.48 5.08
CA ALA E 50 -28.08 17.42 5.00
C ALA E 50 -27.43 18.05 6.23
N VAL E 51 -27.99 19.15 6.72
CA VAL E 51 -27.50 19.75 7.97
C VAL E 51 -27.67 18.77 9.12
N MET E 52 -28.84 18.11 9.20
CA MET E 52 -29.04 17.15 10.28
C MET E 52 -28.06 15.98 10.20
N ALA E 53 -27.83 15.47 8.98
CA ALA E 53 -26.87 14.39 8.80
C ALA E 53 -25.47 14.80 9.24
N LEU E 54 -25.04 15.99 8.82
CA LEU E 54 -23.75 16.51 9.27
C LEU E 54 -23.68 16.60 10.78
N GLN E 55 -24.72 17.15 11.42
CA GLN E 55 -24.68 17.33 12.86
C GLN E 55 -24.62 15.99 13.59
N GLU E 56 -25.45 15.04 13.18
CA GLU E 56 -25.43 13.72 13.79
C GLU E 56 -24.06 13.06 13.63
N ALA E 57 -23.46 13.17 12.44
CA ALA E 57 -22.13 12.59 12.22
C ALA E 57 -21.10 13.23 13.13
N CYS E 58 -21.10 14.57 13.21
CA CYS E 58 -20.11 15.27 14.03
C CYS E 58 -20.25 14.92 15.50
N GLU E 59 -21.49 14.92 16.01
CA GLU E 59 -21.67 14.61 17.43
C GLU E 59 -21.27 13.17 17.73
N ALA E 60 -21.64 12.21 16.88
CA ALA E 60 -21.20 10.84 17.07
C ALA E 60 -19.68 10.73 17.07
N TYR E 61 -19.04 11.42 16.11
CA TYR E 61 -17.59 11.42 16.00
C TYR E 61 -16.93 11.96 17.27
N LEU E 62 -17.41 13.11 17.77
CA LEU E 62 -16.81 13.71 18.95
C LEU E 62 -17.04 12.86 20.20
N VAL E 63 -18.21 12.24 20.34
CA VAL E 63 -18.41 11.35 21.48
C VAL E 63 -17.42 10.19 21.44
N GLY E 64 -17.22 9.60 20.25
CA GLY E 64 -16.21 8.55 20.13
C GLY E 64 -14.82 9.04 20.52
N LEU E 65 -14.45 10.24 20.03
CA LEU E 65 -13.17 10.82 20.40
C LEU E 65 -13.05 10.98 21.91
N PHE E 66 -14.10 11.44 22.58
CA PHE E 66 -14.02 11.63 24.02
C PHE E 66 -13.92 10.31 24.78
N GLU E 67 -14.56 9.25 24.30
CA GLU E 67 -14.32 7.94 24.91
C GLU E 67 -12.84 7.55 24.82
N ASP E 68 -12.26 7.62 23.61
CA ASP E 68 -10.85 7.30 23.46
C ASP E 68 -9.96 8.21 24.33
N THR E 69 -10.29 9.49 24.37
CA THR E 69 -9.54 10.47 25.16
C THR E 69 -9.58 10.12 26.64
N ASN E 70 -10.75 9.69 27.13
CA ASN E 70 -10.86 9.28 28.52
C ASN E 70 -9.93 8.12 28.82
N LEU E 71 -9.80 7.18 27.87
CA LEU E 71 -8.83 6.11 28.07
C LEU E 71 -7.41 6.66 28.18
N CYS E 72 -7.05 7.61 27.31
CA CYS E 72 -5.70 8.18 27.38
C CYS E 72 -5.44 8.83 28.75
N ALA E 73 -6.42 9.56 29.28
CA ALA E 73 -6.23 10.18 30.58
C ALA E 73 -6.09 9.13 31.68
N ILE E 74 -6.97 8.12 31.68
CA ILE E 74 -6.95 7.08 32.70
C ILE E 74 -5.65 6.28 32.65
N HIS E 75 -5.13 6.01 31.45
CA HIS E 75 -3.85 5.32 31.31
C HIS E 75 -2.72 6.15 31.92
N ALA E 76 -2.79 7.48 31.77
CA ALA E 76 -1.84 8.38 32.42
C ALA E 76 -2.11 8.54 33.92
N LYS E 77 -2.98 7.72 34.49
CA LYS E 77 -3.31 7.79 35.93
C LYS E 77 -3.83 9.18 36.30
N ARG E 78 -4.72 9.70 35.47
CA ARG E 78 -5.26 11.04 35.63
C ARG E 78 -6.76 11.02 35.35
N VAL E 79 -7.52 11.80 36.13
CA VAL E 79 -8.97 11.88 35.92
C VAL E 79 -9.30 12.85 34.79
N THR E 80 -8.53 13.93 34.69
CA THR E 80 -8.84 15.07 33.84
C THR E 80 -8.26 14.88 32.45
N ILE E 81 -9.10 15.03 31.42
CA ILE E 81 -8.62 14.95 30.04
C ILE E 81 -7.92 16.24 29.63
N MET E 82 -6.89 16.10 28.80
CA MET E 82 -6.04 17.21 28.36
C MET E 82 -5.73 17.05 26.89
N PRO E 83 -5.25 18.13 26.22
CA PRO E 83 -4.95 18.02 24.78
C PRO E 83 -4.00 16.89 24.46
N LYS E 84 -3.08 16.56 25.37
CA LYS E 84 -2.23 15.39 25.17
C LYS E 84 -3.07 14.16 24.89
N ASP E 85 -4.16 14.00 25.64
CA ASP E 85 -5.03 12.84 25.46
C ASP E 85 -5.69 12.84 24.08
N ILE E 86 -6.21 13.99 23.65
CA ILE E 86 -6.85 14.09 22.34
C ILE E 86 -5.83 13.81 21.24
N GLN E 87 -4.65 14.42 21.35
CA GLN E 87 -3.61 14.26 20.33
C GLN E 87 -3.13 12.82 20.26
N LEU E 88 -2.91 12.17 21.41
CA LEU E 88 -2.53 10.76 21.42
C LEU E 88 -3.62 9.90 20.82
N ALA E 89 -4.88 10.15 21.20
CA ALA E 89 -5.98 9.36 20.66
C ALA E 89 -6.00 9.44 19.14
N ARG E 90 -5.92 10.67 18.61
CA ARG E 90 -5.94 10.85 17.15
C ARG E 90 -4.71 10.23 16.49
N ARG E 91 -3.52 10.39 17.10
CA ARG E 91 -2.29 9.86 16.51
C ARG E 91 -2.30 8.34 16.47
N ILE E 92 -2.75 7.70 17.56
CA ILE E 92 -2.89 6.24 17.56
C ILE E 92 -3.94 5.81 16.55
N ARG E 93 -5.08 6.51 16.53
CA ARG E 93 -6.16 6.20 15.61
C ARG E 93 -5.76 6.38 14.15
N GLY E 94 -4.73 7.19 13.88
CA GLY E 94 -4.20 7.37 12.56
C GLY E 94 -4.70 8.58 11.80
N GLU E 95 -5.15 9.62 12.50
CA GLU E 95 -5.60 10.86 11.86
C GLU E 95 -4.44 11.82 11.62
N LEU F 2 -20.43 35.27 6.73
CA LEU F 2 -20.42 34.34 7.85
C LEU F 2 -18.98 34.05 8.31
N ARG F 3 -18.58 34.62 9.46
CA ARG F 3 -17.26 34.38 10.01
C ARG F 3 -17.34 34.18 11.53
N ASP F 4 -16.34 33.48 12.07
CA ASP F 4 -16.20 33.17 13.50
C ASP F 4 -17.32 32.26 14.04
N ASN F 5 -17.98 31.50 13.17
CA ASN F 5 -19.09 30.64 13.60
C ASN F 5 -18.63 29.37 14.34
N ILE F 6 -17.34 29.03 14.33
CA ILE F 6 -16.85 27.91 15.12
C ILE F 6 -17.00 28.17 16.61
N GLN F 7 -17.05 29.45 17.01
CA GLN F 7 -17.38 29.80 18.39
C GLN F 7 -18.81 29.42 18.75
N GLY F 8 -19.65 29.07 17.77
CA GLY F 8 -20.98 28.57 18.05
C GLY F 8 -20.97 27.26 18.82
N ILE F 9 -19.84 26.56 18.80
CA ILE F 9 -19.62 25.36 19.59
C ILE F 9 -19.13 25.80 20.97
N THR F 10 -20.07 25.95 21.91
CA THR F 10 -19.79 26.49 23.24
C THR F 10 -19.15 25.43 24.14
N LYS F 11 -18.52 25.89 25.23
CA LYS F 11 -17.89 24.95 26.16
C LYS F 11 -18.87 23.91 26.67
N PRO F 12 -20.09 24.27 27.07
CA PRO F 12 -21.09 23.27 27.49
C PRO F 12 -21.39 22.22 26.44
N ALA F 13 -21.41 22.58 25.16
CA ALA F 13 -21.64 21.58 24.13
C ALA F 13 -20.51 20.56 24.10
N ILE F 14 -19.26 21.05 24.20
CA ILE F 14 -18.11 20.17 24.28
C ILE F 14 -18.17 19.31 25.54
N ARG F 15 -18.57 19.93 26.66
CA ARG F 15 -18.67 19.24 27.94
C ARG F 15 -19.74 18.15 27.89
N ARG F 16 -20.90 18.44 27.29
CA ARG F 16 -21.95 17.44 27.15
C ARG F 16 -21.50 16.27 26.27
N LEU F 17 -20.82 16.57 25.16
CA LEU F 17 -20.27 15.51 24.34
C LEU F 17 -19.28 14.65 25.14
N ALA F 18 -18.46 15.30 25.97
CA ALA F 18 -17.56 14.56 26.85
C ALA F 18 -18.31 13.74 27.90
N ARG F 19 -19.45 14.25 28.38
CA ARG F 19 -20.28 13.48 29.31
C ARG F 19 -20.81 12.21 28.65
N ARG F 20 -21.29 12.30 27.41
CA ARG F 20 -21.63 11.07 26.69
C ARG F 20 -20.40 10.18 26.54
N GLY F 21 -19.23 10.79 26.37
CA GLY F 21 -17.96 10.08 26.43
C GLY F 21 -17.55 9.58 27.80
N GLY F 22 -18.34 9.83 28.84
CA GLY F 22 -18.06 9.34 30.18
C GLY F 22 -17.03 10.13 30.98
N VAL F 23 -16.72 11.36 30.58
CA VAL F 23 -15.60 12.13 31.14
C VAL F 23 -16.04 12.84 32.43
N LYS F 24 -15.27 12.65 33.52
CA LYS F 24 -15.55 13.33 34.79
C LYS F 24 -15.05 14.78 34.80
N ARG F 25 -13.80 15.02 34.39
CA ARG F 25 -13.19 16.34 34.48
C ARG F 25 -12.54 16.73 33.15
N ILE F 26 -12.67 18.01 32.81
CA ILE F 26 -12.21 18.54 31.53
C ILE F 26 -11.21 19.66 31.80
N SER F 27 -9.97 19.48 31.39
CA SER F 27 -9.01 20.58 31.49
C SER F 27 -9.37 21.69 30.50
N GLY F 28 -8.84 22.88 30.77
CA GLY F 28 -9.28 24.07 30.05
C GLY F 28 -8.76 24.18 28.64
N LEU F 29 -7.73 23.41 28.29
CA LEU F 29 -7.20 23.42 26.94
C LEU F 29 -7.97 22.50 26.00
N ILE F 30 -8.84 21.64 26.53
CA ILE F 30 -9.60 20.68 25.73
C ILE F 30 -10.53 21.40 24.76
N TYR F 31 -11.10 22.52 25.17
CA TYR F 31 -12.12 23.17 24.34
C TYR F 31 -11.52 23.66 23.01
N GLU F 32 -10.35 24.28 23.07
CA GLU F 32 -9.71 24.77 21.85
C GLU F 32 -9.27 23.61 20.97
N GLU F 33 -8.70 22.56 21.57
CA GLU F 33 -8.28 21.39 20.82
C GLU F 33 -9.48 20.73 20.15
N THR F 34 -10.59 20.61 20.89
CA THR F 34 -11.80 19.98 20.35
C THR F 34 -12.32 20.75 19.15
N ARG F 35 -12.35 22.07 19.24
CA ARG F 35 -12.85 22.86 18.11
C ARG F 35 -11.95 22.67 16.89
N GLY F 36 -10.63 22.63 17.10
CA GLY F 36 -9.75 22.37 15.96
C GLY F 36 -10.03 21.03 15.31
N VAL F 37 -10.21 20.00 16.13
CA VAL F 37 -10.47 18.65 15.62
C VAL F 37 -11.79 18.60 14.85
N LEU F 38 -12.83 19.22 15.42
CA LEU F 38 -14.16 19.25 14.78
C LEU F 38 -14.10 19.99 13.45
N LYS F 39 -13.45 21.15 13.42
CA LYS F 39 -13.40 21.94 12.19
C LYS F 39 -12.70 21.17 11.07
N VAL F 40 -11.62 20.45 11.41
CA VAL F 40 -10.97 19.59 10.41
C VAL F 40 -11.94 18.53 9.88
N PHE F 41 -12.66 17.86 10.80
CA PHE F 41 -13.63 16.84 10.37
C PHE F 41 -14.69 17.43 9.43
N LEU F 42 -15.29 18.55 9.84
CA LEU F 42 -16.33 19.20 9.03
C LEU F 42 -15.79 19.61 7.67
N GLU F 43 -14.60 20.21 7.62
CA GLU F 43 -14.05 20.61 6.34
C GLU F 43 -13.90 19.43 5.40
N ASN F 44 -13.38 18.31 5.90
CA ASN F 44 -13.23 17.14 5.05
C ASN F 44 -14.58 16.64 4.53
N VAL F 45 -15.55 16.45 5.44
CA VAL F 45 -16.86 15.92 5.03
C VAL F 45 -17.55 16.87 4.04
N ILE F 46 -17.57 18.16 4.36
CA ILE F 46 -18.28 19.13 3.52
C ILE F 46 -17.60 19.27 2.16
N ARG F 47 -16.26 19.28 2.13
CA ARG F 47 -15.57 19.36 0.83
C ARG F 47 -15.97 18.20 -0.06
N ASP F 48 -16.04 16.98 0.49
CA ASP F 48 -16.48 15.86 -0.35
C ASP F 48 -17.95 15.98 -0.74
N ALA F 49 -18.82 16.38 0.18
CA ALA F 49 -20.24 16.55 -0.14
C ALA F 49 -20.43 17.56 -1.27
N VAL F 50 -19.73 18.69 -1.19
CA VAL F 50 -19.78 19.70 -2.25
C VAL F 50 -19.20 19.14 -3.54
N THR F 51 -18.19 18.27 -3.45
CA THR F 51 -17.66 17.65 -4.67
C THR F 51 -18.74 16.84 -5.39
N TYR F 52 -19.48 16.02 -4.65
CA TYR F 52 -20.59 15.29 -5.26
C TYR F 52 -21.62 16.26 -5.83
N THR F 53 -21.95 17.32 -5.08
CA THR F 53 -22.92 18.31 -5.55
C THR F 53 -22.48 18.93 -6.87
N GLU F 54 -21.21 19.34 -6.96
CA GLU F 54 -20.68 19.98 -8.16
C GLU F 54 -20.64 19.01 -9.33
N HIS F 55 -20.23 17.76 -9.09
CA HIS F 55 -20.23 16.79 -10.18
C HIS F 55 -21.63 16.61 -10.77
N ALA F 56 -22.63 16.52 -9.91
CA ALA F 56 -24.04 16.40 -10.32
C ALA F 56 -24.60 17.70 -10.89
N LYS F 57 -23.81 18.76 -10.97
CA LYS F 57 -24.21 20.08 -11.47
C LYS F 57 -25.35 20.71 -10.66
N ARG F 58 -25.61 20.21 -9.47
CA ARG F 58 -26.57 20.83 -8.56
C ARG F 58 -25.99 22.07 -7.90
N LYS F 59 -26.89 22.93 -7.43
CA LYS F 59 -26.54 23.99 -6.50
C LYS F 59 -26.93 23.67 -5.06
N THR F 60 -27.59 22.54 -4.85
CA THR F 60 -28.13 22.14 -3.56
C THR F 60 -27.40 20.89 -3.05
N VAL F 61 -26.85 20.97 -1.85
CA VAL F 61 -26.30 19.79 -1.17
C VAL F 61 -27.45 18.99 -0.59
N THR F 62 -27.50 17.70 -0.91
CA THR F 62 -28.49 16.79 -0.34
C THR F 62 -27.86 15.85 0.67
N ALA F 63 -28.70 15.28 1.53
CA ALA F 63 -28.22 14.32 2.54
C ALA F 63 -27.41 13.20 1.91
N MET F 64 -27.77 12.77 0.69
CA MET F 64 -27.03 11.70 0.04
C MET F 64 -25.56 12.09 -0.18
N ASP F 65 -25.29 13.36 -0.46
CA ASP F 65 -23.91 13.79 -0.61
C ASP F 65 -23.15 13.60 0.69
N VAL F 66 -23.77 13.96 1.82
CA VAL F 66 -23.15 13.77 3.13
C VAL F 66 -22.88 12.29 3.38
N VAL F 67 -23.86 11.43 3.06
CA VAL F 67 -23.71 9.99 3.26
C VAL F 67 -22.57 9.45 2.43
N TYR F 68 -22.51 9.81 1.14
CA TYR F 68 -21.45 9.34 0.27
C TYR F 68 -20.08 9.88 0.68
N ALA F 69 -20.04 11.06 1.31
CA ALA F 69 -18.78 11.57 1.85
C ALA F 69 -18.32 10.73 3.03
N LEU F 70 -19.25 10.43 3.95
CA LEU F 70 -18.90 9.66 5.15
C LEU F 70 -18.52 8.22 4.82
N LYS F 71 -19.15 7.63 3.80
CA LYS F 71 -18.81 6.26 3.41
C LYS F 71 -17.34 6.12 3.04
N ARG F 72 -16.81 7.10 2.31
CA ARG F 72 -15.42 7.07 1.88
C ARG F 72 -14.44 7.20 3.04
N GLN F 73 -14.89 7.76 4.17
CA GLN F 73 -14.05 7.86 5.37
C GLN F 73 -14.12 6.61 6.24
N GLY F 74 -14.79 5.55 5.78
CA GLY F 74 -14.99 4.38 6.63
C GLY F 74 -15.99 4.62 7.75
N ARG F 75 -16.90 5.58 7.57
CA ARG F 75 -17.85 5.99 8.60
C ARG F 75 -19.28 5.90 8.04
N THR F 76 -19.79 4.68 7.86
CA THR F 76 -21.13 4.55 7.29
C THR F 76 -22.19 5.04 8.27
N LEU F 77 -23.12 5.87 7.77
CA LEU F 77 -24.18 6.48 8.57
C LEU F 77 -25.55 5.94 8.13
N TYR F 78 -26.32 5.41 9.08
CA TYR F 78 -27.68 4.92 8.83
C TYR F 78 -28.70 5.91 9.35
N GLY F 79 -29.72 6.21 8.53
CA GLY F 79 -30.89 6.94 8.99
C GLY F 79 -31.44 7.97 8.02
N PHE F 80 -30.56 8.59 7.24
CA PHE F 80 -30.92 9.68 6.33
C PHE F 80 -30.99 9.20 4.87
N GLY F 81 -31.56 8.02 4.64
CA GLY F 81 -31.47 7.37 3.35
C GLY F 81 -30.12 6.69 3.15
N GLY F 82 -30.00 5.98 2.03
CA GLY F 82 -28.81 5.21 1.72
C GLY F 82 -28.67 3.97 2.59
N ALA G 1 0.30 19.18 -29.06
CA ALA G 1 -0.36 18.60 -30.22
C ALA G 1 0.61 18.41 -31.39
N ARG G 2 1.90 18.68 -31.13
CA ARG G 2 2.92 18.59 -32.17
C ARG G 2 3.14 17.14 -32.63
N ALA G 3 3.23 16.22 -31.67
CA ALA G 3 3.41 14.80 -31.99
C ALA G 3 2.11 14.18 -32.49
N LYS G 4 2.22 13.27 -33.49
CA LYS G 4 1.03 12.60 -34.02
C LYS G 4 1.34 11.21 -34.58
N ALA G 5 2.27 10.48 -33.96
CA ALA G 5 2.39 9.05 -34.21
C ALA G 5 1.13 8.34 -33.70
N LYS G 6 0.68 7.31 -34.42
CA LYS G 6 -0.75 6.98 -34.44
C LYS G 6 -1.27 6.15 -33.24
N THR G 7 -0.42 5.67 -32.34
CA THR G 7 -0.92 5.03 -31.13
C THR G 7 -1.62 6.07 -30.23
N ARG G 8 -2.72 5.67 -29.59
CA ARG G 8 -3.50 6.63 -28.79
C ARG G 8 -2.64 7.27 -27.70
N SER G 9 -1.77 6.49 -27.07
CA SER G 9 -0.79 7.05 -26.14
C SER G 9 0.03 8.14 -26.81
N SER G 10 0.61 7.85 -27.98
CA SER G 10 1.46 8.81 -28.67
C SER G 10 0.67 10.05 -29.06
N ARG G 11 -0.57 9.87 -29.52
CA ARG G 11 -1.43 11.01 -29.85
C ARG G 11 -1.71 11.86 -28.62
N ALA G 12 -1.87 11.24 -27.46
CA ALA G 12 -2.06 11.96 -26.20
C ALA G 12 -0.74 12.51 -25.64
N GLY G 13 0.39 11.94 -26.03
CA GLY G 13 1.68 12.30 -25.46
C GLY G 13 2.08 11.53 -24.23
N LEU G 14 1.63 10.28 -24.08
CA LEU G 14 1.81 9.51 -22.86
C LEU G 14 2.71 8.31 -23.12
N GLN G 15 3.39 7.87 -22.07
CA GLN G 15 4.16 6.63 -22.12
C GLN G 15 3.31 5.44 -21.76
N PHE G 16 2.30 5.65 -20.91
CA PHE G 16 1.45 4.56 -20.50
C PHE G 16 0.49 4.16 -21.62
N PRO G 17 0.13 2.88 -21.69
CA PRO G 17 -0.68 2.34 -22.79
C PRO G 17 -2.16 2.69 -22.66
N VAL G 18 -2.66 3.55 -23.54
CA VAL G 18 -4.07 3.93 -23.50
C VAL G 18 -4.97 2.76 -23.87
N GLY G 19 -4.58 1.97 -24.88
CA GLY G 19 -5.41 0.84 -25.27
C GLY G 19 -5.59 -0.17 -24.15
N ARG G 20 -4.54 -0.40 -23.37
CA ARG G 20 -4.62 -1.32 -22.25
C ARG G 20 -5.55 -0.77 -21.17
N VAL G 21 -5.41 0.51 -20.83
CA VAL G 21 -6.27 1.14 -19.85
C VAL G 21 -7.73 1.08 -20.31
N HIS G 22 -7.96 1.19 -21.62
CA HIS G 22 -9.32 1.08 -22.14
C HIS G 22 -9.88 -0.32 -21.94
N ARG G 23 -9.10 -1.36 -22.24
CA ARG G 23 -9.55 -2.72 -21.91
C ARG G 23 -9.92 -2.81 -20.44
N LEU G 24 -9.02 -2.33 -19.57
CA LEU G 24 -9.21 -2.52 -18.14
C LEU G 24 -10.41 -1.74 -17.60
N LEU G 25 -10.77 -0.63 -18.26
CA LEU G 25 -12.00 0.08 -17.90
C LEU G 25 -13.24 -0.65 -18.41
N ARG G 26 -13.17 -1.28 -19.57
CA ARG G 26 -14.30 -2.06 -20.07
C ARG G 26 -14.52 -3.31 -19.23
N LYS G 27 -13.44 -3.96 -18.84
CA LYS G 27 -13.51 -5.11 -17.96
C LYS G 27 -13.83 -4.65 -16.54
N GLY G 28 -14.05 -5.63 -15.66
CA GLY G 28 -14.37 -5.32 -14.28
C GLY G 28 -15.72 -4.67 -14.07
N ASN G 29 -16.45 -4.38 -15.15
CA ASN G 29 -17.81 -3.85 -15.09
C ASN G 29 -17.92 -2.54 -14.29
N TYR G 30 -16.95 -1.65 -14.49
CA TYR G 30 -17.00 -0.35 -13.82
C TYR G 30 -18.21 0.47 -14.27
N SER G 31 -18.58 0.40 -15.55
CA SER G 31 -19.91 0.80 -15.99
C SER G 31 -20.18 0.27 -17.40
N GLU G 32 -21.44 0.41 -17.82
CA GLU G 32 -21.87 -0.16 -19.10
C GLU G 32 -21.17 0.45 -20.31
N ARG G 33 -20.74 1.72 -20.21
CA ARG G 33 -20.11 2.43 -21.33
C ARG G 33 -18.89 3.20 -20.84
N VAL G 34 -17.83 3.24 -21.65
CA VAL G 34 -16.58 3.94 -21.31
C VAL G 34 -16.26 4.94 -22.42
N GLY G 35 -16.08 6.20 -22.04
CA GLY G 35 -15.75 7.23 -23.02
C GLY G 35 -14.35 7.08 -23.58
N ALA G 36 -14.16 7.60 -24.81
CA ALA G 36 -12.89 7.49 -25.51
C ALA G 36 -11.78 8.24 -24.79
N GLY G 37 -12.10 9.37 -24.16
CA GLY G 37 -11.11 10.12 -23.42
C GLY G 37 -10.88 9.62 -22.01
N ALA G 38 -11.67 8.64 -21.59
CA ALA G 38 -11.51 8.08 -20.25
C ALA G 38 -10.15 7.40 -20.06
N PRO G 39 -9.76 6.43 -20.89
CA PRO G 39 -8.45 5.79 -20.72
C PRO G 39 -7.31 6.75 -20.96
N VAL G 40 -7.52 7.81 -21.74
CA VAL G 40 -6.47 8.80 -21.96
C VAL G 40 -6.22 9.60 -20.69
N TYR G 41 -7.30 10.13 -20.11
CA TYR G 41 -7.19 10.87 -18.87
C TYR G 41 -6.57 10.01 -17.77
N LEU G 42 -7.06 8.77 -17.67
CA LEU G 42 -6.60 7.90 -16.61
C LEU G 42 -5.14 7.50 -16.80
N ALA G 43 -4.74 7.21 -18.04
CA ALA G 43 -3.36 6.86 -18.30
C ALA G 43 -2.44 8.02 -17.93
N ALA G 44 -2.89 9.25 -18.22
CA ALA G 44 -2.11 10.41 -17.83
C ALA G 44 -1.94 10.49 -16.32
N VAL G 45 -3.00 10.17 -15.58
CA VAL G 45 -2.91 10.23 -14.11
C VAL G 45 -1.95 9.16 -13.59
N LEU G 46 -2.09 7.93 -14.10
CA LEU G 46 -1.23 6.86 -13.65
C LEU G 46 0.22 7.19 -13.94
N GLU G 47 0.49 7.76 -15.11
CA GLU G 47 1.85 8.12 -15.47
C GLU G 47 2.38 9.23 -14.57
N TYR G 48 1.55 10.23 -14.28
CA TYR G 48 2.00 11.31 -13.41
C TYR G 48 2.40 10.78 -12.04
N LEU G 49 1.54 9.96 -11.43
CA LEU G 49 1.85 9.44 -10.11
C LEU G 49 3.09 8.54 -10.15
N THR G 50 3.21 7.73 -11.21
CA THR G 50 4.37 6.87 -11.36
C THR G 50 5.64 7.70 -11.43
N ALA G 51 5.61 8.78 -12.21
CA ALA G 51 6.77 9.64 -12.35
C ALA G 51 7.11 10.31 -11.03
N GLU G 52 6.09 10.70 -10.25
CA GLU G 52 6.35 11.35 -8.98
C GLU G 52 7.10 10.43 -8.03
N ILE G 53 6.64 9.18 -7.93
CA ILE G 53 7.31 8.24 -7.04
C ILE G 53 8.71 7.93 -7.53
N LEU G 54 8.87 7.71 -8.83
CA LEU G 54 10.19 7.39 -9.36
C LEU G 54 11.16 8.54 -9.16
N GLU G 55 10.68 9.79 -9.29
CA GLU G 55 11.52 10.96 -9.03
C GLU G 55 12.06 10.91 -7.61
N LEU G 56 11.15 10.82 -6.64
CA LEU G 56 11.60 10.81 -5.25
C LEU G 56 12.45 9.59 -4.92
N ALA G 57 12.17 8.44 -5.54
CA ALA G 57 12.97 7.25 -5.29
C ALA G 57 14.38 7.42 -5.86
N GLY G 58 14.51 8.09 -7.00
CA GLY G 58 15.83 8.43 -7.50
C GLY G 58 16.58 9.37 -6.58
N ASN G 59 15.88 10.36 -6.03
CA ASN G 59 16.52 11.25 -5.06
C ASN G 59 17.05 10.47 -3.86
N ALA G 60 16.20 9.59 -3.30
CA ALA G 60 16.62 8.74 -2.19
C ALA G 60 17.81 7.85 -2.59
N ALA G 61 17.77 7.29 -3.80
CA ALA G 61 18.87 6.45 -4.27
C ALA G 61 20.18 7.23 -4.30
N ARG G 62 20.15 8.47 -4.82
CA ARG G 62 21.35 9.29 -4.82
C ARG G 62 21.80 9.63 -3.41
N ASP G 63 20.87 9.84 -2.49
CA ASP G 63 21.24 10.10 -1.10
C ASP G 63 21.98 8.92 -0.48
N ASN G 64 21.71 7.69 -0.94
CA ASN G 64 22.42 6.51 -0.46
C ASN G 64 23.58 6.12 -1.35
N LYS G 65 23.98 6.98 -2.29
CA LYS G 65 25.09 6.72 -3.20
C LYS G 65 24.84 5.47 -4.05
N LYS G 66 23.59 5.24 -4.41
CA LYS G 66 23.21 4.10 -5.24
C LYS G 66 22.81 4.59 -6.63
N THR G 67 23.04 3.74 -7.63
CA THR G 67 22.65 4.02 -9.00
C THR G 67 21.42 3.24 -9.41
N ARG G 68 20.79 2.53 -8.47
CA ARG G 68 19.69 1.64 -8.76
C ARG G 68 18.62 1.76 -7.68
N ILE G 69 17.36 1.76 -8.08
CA ILE G 69 16.26 1.88 -7.14
C ILE G 69 15.96 0.51 -6.54
N ILE G 70 15.87 0.48 -5.22
CA ILE G 70 15.52 -0.75 -4.50
C ILE G 70 14.33 -0.45 -3.60
N PRO G 71 13.64 -1.48 -3.13
CA PRO G 71 12.44 -1.30 -2.28
C PRO G 71 12.65 -0.33 -1.13
N ARG G 72 13.84 -0.30 -0.54
CA ARG G 72 14.13 0.64 0.53
C ARG G 72 13.90 2.07 0.07
N HIS G 73 14.30 2.37 -1.17
CA HIS G 73 14.18 3.72 -1.68
C HIS G 73 12.73 4.08 -1.91
N LEU G 74 11.93 3.12 -2.38
CA LEU G 74 10.51 3.39 -2.58
C LEU G 74 9.85 3.69 -1.24
N GLN G 75 10.19 2.91 -0.21
CA GLN G 75 9.62 3.16 1.11
C GLN G 75 10.00 4.54 1.62
N LEU G 76 11.26 4.93 1.46
CA LEU G 76 11.69 6.25 1.92
C LEU G 76 11.02 7.35 1.10
N ALA G 77 10.90 7.14 -0.21
CA ALA G 77 10.30 8.16 -1.08
C ALA G 77 8.86 8.42 -0.69
N ILE G 78 8.15 7.38 -0.25
CA ILE G 78 6.75 7.55 0.09
C ILE G 78 6.59 8.08 1.51
N ARG G 79 7.32 7.51 2.47
CA ARG G 79 7.12 7.87 3.86
C ARG G 79 7.68 9.24 4.21
N ASN G 80 8.54 9.80 3.36
CA ASN G 80 9.07 11.14 3.56
C ASN G 80 8.31 12.19 2.76
N ASP G 81 7.15 11.83 2.21
CA ASP G 81 6.34 12.74 1.41
C ASP G 81 4.91 12.69 1.89
N GLU G 82 4.41 13.83 2.37
CA GLU G 82 3.11 13.86 3.04
C GLU G 82 1.98 13.42 2.12
N GLU G 83 1.97 13.91 0.87
CA GLU G 83 0.89 13.57 -0.04
C GLU G 83 0.89 12.08 -0.36
N LEU G 84 2.06 11.53 -0.68
CA LEU G 84 2.14 10.10 -0.97
C LEU G 84 1.90 9.27 0.29
N ASN G 85 2.32 9.78 1.45
CA ASN G 85 2.11 9.05 2.68
C ASN G 85 0.62 8.95 3.01
N LYS G 86 -0.15 9.99 2.70
CA LYS G 86 -1.59 9.91 2.86
C LYS G 86 -2.21 8.97 1.86
N LEU G 87 -1.72 8.99 0.62
CA LEU G 87 -2.28 8.12 -0.42
C LEU G 87 -1.97 6.65 -0.15
N LEU G 88 -0.75 6.36 0.28
CA LEU G 88 -0.29 4.98 0.46
C LEU G 88 -0.02 4.65 1.92
N GLY G 89 -0.69 5.35 2.84
CA GLY G 89 -0.44 5.15 4.26
C GLY G 89 -0.86 3.78 4.77
N ARG G 90 -1.78 3.11 4.08
CA ARG G 90 -2.19 1.77 4.44
C ARG G 90 -1.25 0.70 3.90
N VAL G 91 -0.34 1.07 3.01
CA VAL G 91 0.38 0.10 2.17
C VAL G 91 1.66 -0.35 2.85
N THR G 92 1.79 -1.66 3.06
CA THR G 92 3.06 -2.28 3.41
C THR G 92 3.83 -2.57 2.13
N ILE G 93 5.15 -2.32 2.16
CA ILE G 93 6.00 -2.42 0.99
C ILE G 93 7.06 -3.50 1.26
N ALA G 94 7.09 -4.53 0.40
CA ALA G 94 7.99 -5.66 0.60
C ALA G 94 9.45 -5.22 0.64
N GLN G 95 10.15 -5.62 1.70
CA GLN G 95 11.55 -5.25 1.95
C GLN G 95 11.76 -3.73 2.03
N GLY G 96 10.69 -2.98 2.33
CA GLY G 96 10.81 -1.53 2.42
C GLY G 96 11.50 -1.04 3.69
N GLY G 97 11.40 -1.79 4.79
CA GLY G 97 11.91 -1.31 6.06
C GLY G 97 11.06 -0.14 6.60
N VAL G 98 11.67 0.64 7.50
CA VAL G 98 10.97 1.72 8.21
C VAL G 98 11.85 2.97 8.24
N LEU G 99 11.20 4.11 8.54
CA LEU G 99 11.92 5.37 8.64
C LEU G 99 12.92 5.34 9.79
N PRO G 100 14.12 5.92 9.61
CA PRO G 100 15.06 6.05 10.74
C PRO G 100 14.64 7.17 11.69
N ASN G 101 13.84 6.83 12.70
CA ASN G 101 13.33 7.80 13.66
C ASN G 101 13.33 7.20 15.06
N ILE G 102 13.81 7.98 16.04
CA ILE G 102 13.88 7.60 17.44
C ILE G 102 13.26 8.71 18.28
N GLN G 103 12.45 8.33 19.28
CA GLN G 103 11.81 9.33 20.13
C GLN G 103 12.84 10.01 21.03
N ALA G 104 12.71 11.34 21.16
CA ALA G 104 13.70 12.15 21.85
C ALA G 104 13.89 11.72 23.30
N VAL G 105 12.82 11.23 23.94
CA VAL G 105 12.89 10.84 25.34
C VAL G 105 13.77 9.63 25.57
N LEU G 106 14.12 8.92 24.51
CA LEU G 106 14.96 7.73 24.60
C LEU G 106 16.44 8.06 24.43
N LEU G 107 16.76 9.30 24.09
CA LEU G 107 18.12 9.72 23.81
C LEU G 107 18.72 10.41 25.03
N PRO G 108 20.06 10.41 25.16
CA PRO G 108 20.72 11.10 26.27
C PRO G 108 20.56 12.62 26.20
N SER H 1 1.18 -18.98 -23.13
CA SER H 1 1.53 -18.54 -21.79
C SER H 1 2.14 -17.14 -21.80
N ARG H 2 1.34 -16.15 -21.44
CA ARG H 2 1.74 -14.75 -21.30
C ARG H 2 1.01 -14.14 -20.11
N LYS H 3 1.62 -13.11 -19.49
CA LYS H 3 0.90 -12.19 -18.61
C LYS H 3 1.51 -10.79 -18.71
N GLU H 4 0.65 -9.77 -18.71
CA GLU H 4 1.08 -8.39 -18.93
C GLU H 4 1.55 -7.71 -17.65
N SER H 5 2.39 -6.68 -17.82
CA SER H 5 2.90 -5.84 -16.71
C SER H 5 3.13 -4.42 -17.23
N TYR H 6 3.18 -3.46 -16.29
CA TYR H 6 3.48 -2.06 -16.62
C TYR H 6 4.97 -1.74 -16.60
N SER H 7 5.84 -2.74 -16.39
CA SER H 7 7.25 -2.50 -16.13
C SER H 7 7.90 -1.62 -17.21
N ILE H 8 7.58 -1.85 -18.48
CA ILE H 8 8.24 -1.09 -19.55
C ILE H 8 7.92 0.40 -19.45
N TYR H 9 6.68 0.75 -19.14
CA TYR H 9 6.31 2.16 -19.05
C TYR H 9 6.88 2.80 -17.78
N VAL H 10 6.87 2.07 -16.68
CA VAL H 10 7.58 2.51 -15.47
C VAL H 10 9.02 2.87 -15.82
N TYR H 11 9.69 2.01 -16.60
CA TYR H 11 11.09 2.21 -16.91
C TYR H 11 11.29 3.40 -17.86
N LYS H 12 10.40 3.56 -18.85
CA LYS H 12 10.48 4.74 -19.72
C LYS H 12 10.31 6.02 -18.91
N VAL H 13 9.29 6.07 -18.06
CA VAL H 13 9.07 7.22 -17.21
C VAL H 13 10.30 7.48 -16.35
N LEU H 14 10.89 6.42 -15.77
CA LEU H 14 12.09 6.59 -14.96
C LEU H 14 13.18 7.28 -15.75
N LYS H 15 13.43 6.80 -16.97
CA LYS H 15 14.48 7.39 -17.79
C LYS H 15 14.18 8.84 -18.16
N GLN H 16 12.91 9.21 -18.29
CA GLN H 16 12.56 10.60 -18.60
C GLN H 16 12.62 11.51 -17.38
N VAL H 17 12.35 10.95 -16.19
CA VAL H 17 12.40 11.71 -14.94
C VAL H 17 13.84 11.92 -14.49
N HIS H 18 14.62 10.85 -14.43
CA HIS H 18 16.05 10.90 -14.15
C HIS H 18 16.81 10.38 -15.36
N PRO H 19 17.66 11.18 -16.00
CA PRO H 19 18.32 10.73 -17.24
C PRO H 19 19.12 9.44 -17.10
N ASP H 20 19.61 9.11 -15.91
CA ASP H 20 20.36 7.86 -15.70
C ASP H 20 20.12 7.37 -14.29
N THR H 21 19.31 6.31 -14.16
CA THR H 21 19.06 5.59 -12.91
C THR H 21 18.33 4.29 -13.23
N GLY H 22 18.83 3.16 -12.74
CA GLY H 22 18.20 1.87 -12.98
C GLY H 22 17.23 1.50 -11.87
N ILE H 23 16.58 0.34 -12.04
CA ILE H 23 15.60 -0.14 -11.06
C ILE H 23 15.72 -1.65 -10.91
N SER H 24 15.67 -2.12 -9.66
CA SER H 24 15.75 -3.54 -9.36
C SER H 24 14.44 -4.25 -9.71
N SER H 25 14.53 -5.58 -9.82
CA SER H 25 13.35 -6.37 -10.15
C SER H 25 12.32 -6.35 -9.04
N LYS H 26 12.78 -6.32 -7.79
CA LYS H 26 11.85 -6.26 -6.67
C LYS H 26 11.14 -4.90 -6.62
N ALA H 27 11.89 -3.83 -6.84
CA ALA H 27 11.28 -2.50 -6.93
C ALA H 27 10.29 -2.42 -8.09
N MET H 28 10.62 -3.07 -9.22
CA MET H 28 9.71 -3.07 -10.35
C MET H 28 8.41 -3.82 -10.02
N GLY H 29 8.51 -4.95 -9.33
CA GLY H 29 7.30 -5.62 -8.86
C GLY H 29 6.46 -4.73 -7.97
N ILE H 30 7.11 -3.96 -7.09
CA ILE H 30 6.37 -3.03 -6.25
C ILE H 30 5.66 -1.98 -7.10
N MET H 31 6.33 -1.48 -8.13
CA MET H 31 5.73 -0.46 -8.98
C MET H 31 4.51 -1.01 -9.72
N ASN H 32 4.56 -2.29 -10.11
CA ASN H 32 3.40 -2.90 -10.75
C ASN H 32 2.24 -3.02 -9.76
N SER H 33 2.54 -3.42 -8.52
CA SER H 33 1.48 -3.44 -7.50
C SER H 33 0.87 -2.06 -7.35
N PHE H 34 1.72 -1.03 -7.36
CA PHE H 34 1.23 0.34 -7.20
C PHE H 34 0.30 0.74 -8.32
N VAL H 35 0.72 0.50 -9.57
CA VAL H 35 -0.11 0.92 -10.71
C VAL H 35 -1.46 0.23 -10.66
N ASN H 36 -1.47 -1.07 -10.35
CA ASN H 36 -2.73 -1.79 -10.32
C ASN H 36 -3.63 -1.30 -9.19
N ASP H 37 -3.05 -0.97 -8.03
CA ASP H 37 -3.86 -0.44 -6.94
C ASP H 37 -4.50 0.89 -7.32
N ILE H 38 -3.69 1.82 -7.86
CA ILE H 38 -4.24 3.12 -8.20
C ILE H 38 -5.32 3.00 -9.26
N PHE H 39 -5.08 2.16 -10.28
CA PHE H 39 -6.10 1.95 -11.29
C PHE H 39 -7.39 1.45 -10.65
N GLU H 40 -7.30 0.44 -9.79
CA GLU H 40 -8.51 -0.10 -9.17
C GLU H 40 -9.24 0.96 -8.34
N ARG H 41 -8.50 1.79 -7.60
CA ARG H 41 -9.14 2.85 -6.83
C ARG H 41 -9.92 3.80 -7.73
N ILE H 42 -9.26 4.30 -8.79
CA ILE H 42 -9.90 5.33 -9.61
C ILE H 42 -11.07 4.73 -10.39
N ALA H 43 -10.86 3.57 -11.01
CA ALA H 43 -11.91 2.94 -11.78
C ALA H 43 -13.11 2.61 -10.90
N GLY H 44 -12.85 2.13 -9.67
CA GLY H 44 -13.95 1.82 -8.77
C GLY H 44 -14.72 3.06 -8.35
N GLU H 45 -14.00 4.12 -8.01
CA GLU H 45 -14.66 5.35 -7.59
C GLU H 45 -15.46 5.95 -8.74
N ALA H 46 -14.90 5.87 -9.96
CA ALA H 46 -15.62 6.36 -11.12
C ALA H 46 -16.91 5.58 -11.33
N SER H 47 -16.90 4.27 -11.04
CA SER H 47 -18.13 3.50 -11.06
C SER H 47 -19.16 4.11 -10.12
N ARG H 48 -18.76 4.39 -8.86
CA ARG H 48 -19.69 5.00 -7.92
C ARG H 48 -20.30 6.27 -8.49
N LEU H 49 -19.45 7.18 -8.99
CA LEU H 49 -19.93 8.47 -9.45
C LEU H 49 -20.95 8.33 -10.57
N ALA H 50 -20.70 7.42 -11.52
CA ALA H 50 -21.68 7.20 -12.58
C ALA H 50 -22.98 6.64 -12.00
N HIS H 51 -22.88 5.65 -11.13
CA HIS H 51 -24.05 4.96 -10.59
C HIS H 51 -24.94 5.91 -9.77
N TYR H 52 -24.33 6.71 -8.90
CA TYR H 52 -25.09 7.65 -8.07
C TYR H 52 -25.91 8.61 -8.93
N ASN H 53 -25.41 8.97 -10.11
CA ASN H 53 -26.07 9.93 -11.00
C ASN H 53 -26.86 9.24 -12.11
N LYS H 54 -27.14 7.94 -11.97
CA LYS H 54 -27.96 7.17 -12.90
C LYS H 54 -27.35 7.12 -14.29
N ARG H 55 -26.06 7.40 -14.43
CA ARG H 55 -25.40 7.38 -15.72
C ARG H 55 -24.83 6.00 -16.02
N SER H 56 -24.86 5.62 -17.30
CA SER H 56 -24.25 4.39 -17.77
C SER H 56 -22.79 4.57 -18.15
N THR H 57 -22.36 5.81 -18.39
CA THR H 57 -21.08 6.10 -19.03
C THR H 57 -20.10 6.67 -18.03
N ILE H 58 -18.92 6.06 -17.94
CA ILE H 58 -17.77 6.71 -17.31
C ILE H 58 -17.13 7.64 -18.33
N THR H 59 -17.10 8.94 -18.02
CA THR H 59 -16.49 9.97 -18.86
C THR H 59 -15.29 10.58 -18.14
N SER H 60 -14.61 11.49 -18.84
CA SER H 60 -13.53 12.26 -18.23
C SER H 60 -14.00 12.97 -16.97
N ARG H 61 -15.25 13.46 -16.95
CA ARG H 61 -15.75 14.14 -15.76
C ARG H 61 -15.74 13.21 -14.55
N GLU H 62 -16.13 11.94 -14.72
CA GLU H 62 -16.08 11.00 -13.62
C GLU H 62 -14.66 10.75 -13.13
N ILE H 63 -13.72 10.48 -14.05
CA ILE H 63 -12.35 10.21 -13.63
C ILE H 63 -11.74 11.43 -12.96
N GLN H 64 -11.97 12.61 -13.53
CA GLN H 64 -11.50 13.85 -12.91
C GLN H 64 -12.01 13.97 -11.49
N THR H 65 -13.30 13.71 -11.29
CA THR H 65 -13.87 13.80 -9.95
C THR H 65 -13.30 12.73 -9.03
N ALA H 66 -13.08 11.52 -9.55
CA ALA H 66 -12.50 10.45 -8.75
C ALA H 66 -11.08 10.82 -8.32
N VAL H 67 -10.35 11.50 -9.20
CA VAL H 67 -9.00 11.94 -8.86
C VAL H 67 -9.05 12.98 -7.75
N ARG H 68 -9.97 13.94 -7.86
CA ARG H 68 -10.10 14.95 -6.81
C ARG H 68 -10.43 14.30 -5.47
N LEU H 69 -11.27 13.26 -5.49
CA LEU H 69 -11.68 12.60 -4.26
C LEU H 69 -10.56 11.72 -3.68
N LEU H 70 -9.80 11.04 -4.54
CA LEU H 70 -8.83 10.05 -4.10
C LEU H 70 -7.47 10.67 -3.78
N LEU H 71 -7.01 11.64 -4.57
CA LEU H 71 -5.67 12.15 -4.32
C LEU H 71 -5.71 13.34 -3.36
N PRO H 72 -4.73 13.40 -2.46
CA PRO H 72 -4.62 14.51 -1.52
C PRO H 72 -3.85 15.70 -2.09
N GLY H 73 -4.19 16.88 -1.59
CA GLY H 73 -3.33 18.05 -1.74
C GLY H 73 -2.93 18.37 -3.18
N GLU H 74 -1.62 18.63 -3.35
CA GLU H 74 -1.09 19.02 -4.65
C GLU H 74 -1.25 17.92 -5.70
N LEU H 75 -1.20 16.65 -5.29
CA LEU H 75 -1.28 15.58 -6.26
C LEU H 75 -2.58 15.67 -7.05
N ALA H 76 -3.67 16.08 -6.40
CA ALA H 76 -4.95 16.25 -7.08
C ALA H 76 -4.86 17.31 -8.17
N LYS H 77 -4.45 18.52 -7.80
CA LYS H 77 -4.42 19.62 -8.77
C LYS H 77 -3.52 19.28 -9.96
N HIS H 78 -2.35 18.70 -9.69
CA HIS H 78 -1.44 18.40 -10.79
C HIS H 78 -1.93 17.20 -11.61
N ALA H 79 -2.48 16.17 -10.97
CA ALA H 79 -3.02 15.04 -11.73
C ALA H 79 -4.14 15.50 -12.63
N VAL H 80 -4.98 16.41 -12.14
CA VAL H 80 -6.08 16.93 -12.96
C VAL H 80 -5.53 17.74 -14.12
N SER H 81 -4.54 18.59 -13.86
CA SER H 81 -3.95 19.40 -14.94
C SER H 81 -3.33 18.50 -16.01
N GLU H 82 -2.54 17.51 -15.58
CA GLU H 82 -1.93 16.56 -16.52
C GLU H 82 -3.00 15.81 -17.32
N GLY H 83 -4.02 15.29 -16.65
CA GLY H 83 -5.08 14.58 -17.36
C GLY H 83 -5.80 15.46 -18.36
N THR H 84 -6.12 16.69 -17.97
CA THR H 84 -6.79 17.61 -18.86
C THR H 84 -5.93 17.89 -20.09
N LYS H 85 -4.64 18.12 -19.88
CA LYS H 85 -3.74 18.35 -21.00
C LYS H 85 -3.70 17.15 -21.93
N ALA H 86 -3.62 15.94 -21.37
CA ALA H 86 -3.53 14.75 -22.21
C ALA H 86 -4.78 14.60 -23.06
N VAL H 87 -5.95 14.84 -22.48
CA VAL H 87 -7.19 14.69 -23.24
C VAL H 87 -7.29 15.78 -24.30
N THR H 88 -6.95 17.02 -23.96
CA THR H 88 -7.03 18.10 -24.94
C THR H 88 -6.12 17.83 -26.12
N LYS H 89 -4.88 17.41 -25.82
CA LYS H 89 -3.91 17.08 -26.86
C LYS H 89 -4.40 15.91 -27.70
N TYR H 90 -4.89 14.85 -27.05
CA TYR H 90 -5.44 13.70 -27.77
C TYR H 90 -6.59 14.10 -28.68
N THR H 91 -7.46 15.00 -28.21
CA THR H 91 -8.65 15.42 -28.94
C THR H 91 -8.32 16.39 -30.07
N SER H 92 -7.16 17.05 -30.02
CA SER H 92 -6.82 18.05 -31.04
C SER H 92 -6.61 17.43 -32.43
N ALA H 93 -6.41 16.12 -32.53
CA ALA H 93 -6.34 15.43 -33.82
C ALA H 93 -6.78 13.98 -33.69
N ASN K 1 34.10 -6.28 9.93
N ASN K 1 20.50 -26.13 -14.39
CA ASN K 1 33.37 -6.14 8.67
CA ASN K 1 21.87 -25.92 -13.90
C ASN K 1 33.70 -4.80 7.99
C ASN K 1 22.91 -25.91 -15.04
N VAL K 2 34.07 -3.80 8.79
N VAL K 2 22.78 -26.82 -16.01
CA VAL K 2 34.47 -2.50 8.26
CA VAL K 2 23.82 -26.98 -17.04
C VAL K 2 35.69 -2.64 7.35
C VAL K 2 24.04 -25.69 -17.85
N LYS K 3 36.63 -3.51 7.71
N LYS K 3 22.96 -24.93 -18.12
CA LYS K 3 37.80 -3.79 6.88
CA LYS K 3 23.13 -23.64 -18.80
C LYS K 3 37.38 -4.39 5.53
C LYS K 3 23.95 -22.68 -17.95
N ARG K 4 36.53 -5.41 5.55
N ARG K 4 23.70 -22.66 -16.63
CA ARG K 4 36.03 -6.02 4.32
CA ARG K 4 24.47 -21.81 -15.72
C ARG K 4 35.34 -4.98 3.44
C ARG K 4 25.96 -22.17 -15.77
N ARG K 5 34.46 -4.19 4.06
N ARG K 5 26.27 -23.47 -15.67
CA ARG K 5 33.75 -3.12 3.32
CA ARG K 5 27.66 -23.91 -15.72
C ARG K 5 34.74 -2.13 2.71
C ARG K 5 28.32 -23.57 -17.06
N THR K 6 35.78 -1.76 3.46
N THR K 6 27.58 -23.75 -18.17
CA THR K 6 36.77 -0.80 2.96
CA THR K 6 28.08 -23.41 -19.49
C THR K 6 37.52 -1.35 1.74
C THR K 6 28.44 -21.93 -19.57
N HIS K 7 38.00 -2.61 1.84
N HIS K 7 27.53 -21.07 -19.12
CA HIS K 7 38.63 -3.23 0.68
CA HIS K 7 27.84 -19.64 -19.11
C HIS K 7 37.69 -3.25 -0.52
C HIS K 7 29.06 -19.33 -18.26
N ASN K 8 36.44 -3.64 -0.29
N ASN K 8 29.18 -19.98 -17.09
CA ASN K 8 35.48 -3.70 -1.38
CA ASN K 8 30.33 -19.70 -16.21
C ASN K 8 35.25 -2.33 -2.03
C ASN K 8 31.65 -20.03 -16.90
N VAL K 9 35.06 -1.27 -1.24
N VAL K 9 31.73 -21.18 -17.59
CA VAL K 9 34.81 0.04 -1.84
CA VAL K 9 32.99 -21.51 -18.26
C VAL K 9 36.05 0.58 -2.56
C VAL K 9 33.24 -20.59 -19.47
N LEU K 10 37.24 0.31 -2.02
N LEU K 10 32.19 -20.17 -20.17
CA LEU K 10 38.46 0.73 -2.68
CA LEU K 10 32.37 -19.24 -21.27
C LEU K 10 38.61 0.02 -4.04
C LEU K 10 32.87 -17.88 -20.77
N GLU K 11 38.39 -1.29 -4.05
N GLU K 11 32.34 -17.41 -19.64
CA GLU K 11 38.43 -2.05 -5.30
CA GLU K 11 32.82 -16.18 -19.02
C GLU K 11 37.30 -1.59 -6.26
C GLU K 11 34.25 -16.34 -18.52
N ARG K 12 36.16 -1.19 -5.71
N ARG K 12 34.62 -17.53 -18.03
CA ARG K 12 35.06 -0.67 -6.51
CA ARG K 12 36.01 -17.82 -17.70
C ARG K 12 35.45 0.65 -7.19
C ARG K 12 36.91 -17.62 -18.91
N GLN K 13 36.14 1.54 -6.46
N GLN K 13 36.54 -18.21 -20.05
CA GLN K 13 36.64 2.76 -7.07
CA GLN K 13 37.34 -18.02 -21.25
C GLN K 13 37.77 2.46 -8.06
C GLN K 13 37.32 -16.56 -21.72
N ARG K 14 38.59 1.44 -7.78
N ARG K 14 36.23 -15.82 -21.46
CA ARG K 14 39.59 1.03 -8.76
CA ARG K 14 36.23 -14.39 -21.75
C ARG K 14 38.93 0.57 -10.06
C ARG K 14 37.29 -13.68 -20.93
N ARG K 15 37.81 -0.16 -9.95
N ARG K 15 37.45 -14.06 -19.66
CA ARG K 15 37.04 -0.55 -11.13
CA ARG K 15 38.53 -13.49 -18.84
C ARG K 15 36.48 0.66 -11.85
C ARG K 15 39.88 -13.80 -19.45
N ASN K 16 36.04 1.68 -11.10
N ASN K 16 40.09 -15.05 -19.85
CA ASN K 16 35.60 2.92 -11.74
CA ASN K 16 41.38 -15.41 -20.45
C ASN K 16 36.74 3.64 -12.46
C ASN K 16 41.65 -14.60 -21.72
N GLU K 17 37.93 3.66 -11.86
N GLU K 17 40.61 -14.37 -22.53
CA GLU K 17 39.10 4.23 -12.51
CA GLU K 17 40.75 -13.55 -23.73
C GLU K 17 39.47 3.45 -13.79
C GLU K 17 41.09 -12.11 -23.36
N LEU K 18 39.42 2.13 -13.72
N LEU K 18 40.42 -11.56 -22.33
CA LEU K 18 39.68 1.31 -14.91
CA LEU K 18 40.71 -10.20 -21.89
C LEU K 18 38.64 1.59 -16.00
C LEU K 18 42.14 -10.09 -21.34
N LYS K 19 37.39 1.81 -15.59
N LYS K 19 42.59 -11.11 -20.61
CA LYS K 19 36.36 2.16 -16.57
CA LYS K 19 43.98 -11.12 -20.13
C LYS K 19 36.64 3.51 -17.21
C LYS K 19 44.95 -11.15 -21.29
N ARG K 20 37.09 4.48 -16.42
N ARG K 20 44.64 -11.92 -22.33
CA ARG K 20 37.52 5.75 -17.00
CA ARG K 20 45.48 -11.91 -23.53
C ARG K 20 38.68 5.55 -17.97
C ARG K 20 45.50 -10.54 -24.19
N SER K 21 39.62 4.67 -17.63
N SER K 21 44.34 -9.88 -24.28
CA SER K 21 40.75 4.39 -18.54
CA SER K 21 44.29 -8.53 -24.85
C SER K 21 40.27 3.74 -19.84
C SER K 21 45.13 -7.56 -24.02
N PHE K 22 39.35 2.77 -19.74
N PHE K 22 45.03 -7.62 -22.70
CA PHE K 22 38.80 2.14 -20.93
CA PHE K 22 45.82 -6.74 -21.84
C PHE K 22 38.07 3.15 -21.80
C PHE K 22 47.31 -7.03 -21.96
N PHE K 23 37.24 3.99 -21.19
N PHE K 23 47.69 -8.31 -21.92
CA PHE K 23 36.49 4.99 -21.94
CA PHE K 23 49.10 -8.67 -22.03
C PHE K 23 37.42 6.04 -22.55
C PHE K 23 49.66 -8.29 -23.39
N ALA K 24 38.50 6.39 -21.84
N ALA K 24 48.87 -8.45 -24.45
CA ALA K 24 39.51 7.29 -22.39
CA ALA K 24 49.28 -8.01 -25.78
C ALA K 24 40.16 6.69 -23.64
C ALA K 24 49.51 -6.50 -25.82
N LEU K 25 40.57 5.43 -23.55
N LEU K 25 48.56 -5.72 -25.31
CA LEU K 25 41.16 4.75 -24.70
CA LEU K 25 48.71 -4.27 -25.30
C LEU K 25 40.16 4.65 -25.85
C LEU K 25 49.91 -3.84 -24.47
N ARG K 26 38.91 4.27 -25.55
N ARG K 26 50.05 -4.42 -23.26
CA ARG K 26 37.86 4.16 -26.55
CA ARG K 26 51.20 -4.12 -22.41
C ARG K 26 37.66 5.49 -27.28
C ARG K 26 52.51 -4.39 -23.15
N ASP K 27 37.49 6.58 -26.51
N ASP K 27 52.66 -5.60 -23.68
CA ASP K 27 37.27 7.91 -27.09
CA ASP K 27 53.88 -5.97 -24.39
C ASP K 27 38.49 8.37 -27.89
C ASP K 27 54.12 -5.12 -25.63
N GLN K 28 39.67 7.83 -27.62
N GLN K 28 53.07 -4.49 -26.18
CA GLN K 28 40.86 8.21 -28.38
CA GLN K 28 53.24 -3.61 -27.34
C GLN K 28 40.86 7.63 -29.80
C GLN K 28 53.93 -2.29 -26.99
N ILE K 29 40.12 6.56 -30.04
N ILE K 29 54.13 -1.99 -25.70
CA ILE K 29 40.16 5.81 -31.29
CA ILE K 29 54.68 -0.73 -25.23
C ILE K 29 38.97 6.25 -32.15
C ILE K 29 56.05 -1.00 -24.62
N PRO K 30 39.18 6.86 -33.32
N PRO K 30 57.16 -0.48 -25.18
CA PRO K 30 38.03 7.38 -34.09
CA PRO K 30 58.49 -0.81 -24.63
C PRO K 30 37.04 6.31 -34.54
C PRO K 30 58.69 -0.41 -23.18
N GLU K 31 37.51 5.08 -34.79
N GLU K 31 58.04 0.66 -22.73
CA GLU K 31 36.61 4.00 -35.19
CA GLU K 31 58.18 1.13 -21.36
C GLU K 31 35.56 3.71 -34.11
C GLU K 31 57.63 0.13 -20.34
N LEU K 32 35.87 4.03 -32.85
N LEU K 32 56.81 -0.84 -20.77
CA LEU K 32 34.97 3.80 -31.73
CA LEU K 32 56.24 -1.87 -19.91
C LEU K 32 34.32 5.09 -31.21
C LEU K 32 56.82 -3.26 -20.22
N GLU K 33 34.37 6.18 -31.98
N GLU K 33 57.91 -3.34 -20.98
CA GLU K 33 33.90 7.48 -31.47
CA GLU K 33 58.38 -4.61 -21.55
C GLU K 33 32.43 7.45 -31.08
C GLU K 33 58.66 -5.67 -20.47
N ASN K 34 31.58 6.85 -31.92
N ASN K 34 59.35 -5.29 -19.40
CA ASN K 34 30.15 6.73 -31.64
CA ASN K 34 59.62 -6.20 -18.28
C ASN K 34 29.80 5.44 -30.90
C ASN K 34 58.65 -6.02 -17.12
N ASN K 35 30.69 4.44 -30.93
N ASN K 35 57.78 -5.00 -17.16
CA ASN K 35 30.46 3.10 -30.35
CA ASN K 35 56.84 -4.69 -16.07
C ASN K 35 30.79 3.11 -28.85
C ASN K 35 55.55 -5.51 -16.24
N GLU K 36 30.05 3.94 -28.10
N GLU K 36 55.70 -6.83 -16.16
CA GLU K 36 30.31 4.11 -26.66
CA GLU K 36 54.58 -7.75 -16.36
C GLU K 36 30.13 2.81 -25.89
C GLU K 36 53.48 -7.56 -15.33
N LYS K 37 29.26 1.91 -26.36
N LYS K 37 53.80 -6.94 -14.19
CA LYS K 37 28.97 0.63 -25.71
CA LYS K 37 52.85 -6.62 -13.13
C LYS K 37 30.00 -0.46 -26.03
C LYS K 37 52.40 -5.16 -13.18
N ALA K 38 31.12 -0.14 -26.66
N ALA K 38 52.27 -4.59 -14.38
CA ALA K 38 32.07 -1.15 -27.13
CA ALA K 38 51.76 -3.23 -14.54
C ALA K 38 32.58 -2.01 -25.98
C ALA K 38 50.25 -3.21 -14.36
N PRO K 39 32.58 -3.34 -26.10
N PRO K 39 49.69 -2.30 -13.56
CA PRO K 39 33.03 -4.19 -25.00
CA PRO K 39 48.24 -2.32 -13.32
C PRO K 39 34.55 -4.20 -24.86
C PRO K 39 47.43 -1.87 -14.53
N LYS K 40 35.00 -4.57 -23.65
N LYS K 40 46.22 -2.43 -14.64
CA LYS K 40 36.41 -4.47 -23.30
CA LYS K 40 45.38 -2.22 -15.81
C LYS K 40 37.32 -5.20 -24.30
C LYS K 40 45.15 -0.74 -16.08
N VAL K 41 36.92 -6.41 -24.72
N VAL K 41 45.03 0.06 -15.01
CA VAL K 41 37.72 -7.18 -25.67
CA VAL K 41 44.87 1.51 -15.16
C VAL K 41 37.84 -6.43 -27.00
C VAL K 41 46.15 2.12 -15.75
N VAL K 42 36.74 -5.82 -27.46
N VAL K 42 47.32 1.64 -15.31
CA VAL K 42 36.76 -5.09 -28.73
CA VAL K 42 48.59 2.13 -15.86
C VAL K 42 37.60 -3.83 -28.62
C VAL K 42 48.77 1.68 -17.30
N ILE K 43 37.48 -3.09 -27.52
N ILE K 43 48.41 0.43 -17.62
CA ILE K 43 38.33 -1.92 -27.32
CA ILE K 43 48.50 -0.01 -19.01
C ILE K 43 39.81 -2.32 -27.36
C ILE K 43 47.63 0.89 -19.89
N LEU K 44 40.17 -3.39 -26.66
N LEU K 44 46.40 1.16 -19.47
CA LEU K 44 41.57 -3.83 -26.63
CA LEU K 44 45.51 2.01 -20.27
C LEU K 44 42.06 -4.23 -28.02
C LEU K 44 46.05 3.43 -20.40
N LYS K 45 41.29 -5.06 -28.73
N LYS K 45 46.57 4.00 -19.30
CA LYS K 45 41.73 -5.54 -30.03
CA LYS K 45 47.03 5.39 -19.33
C LYS K 45 41.81 -4.40 -31.05
C LYS K 45 48.35 5.54 -20.10
N LYS K 46 40.76 -3.56 -31.12
N LYS K 46 49.33 4.68 -19.82
CA LYS K 46 40.76 -2.45 -32.07
CA LYS K 46 50.57 4.70 -20.58
C LYS K 46 41.80 -1.39 -31.70
C LYS K 46 50.35 4.33 -22.04
N ALA K 47 42.06 -1.18 -30.40
N ALA K 47 49.37 3.45 -22.34
CA ALA K 47 43.15 -0.31 -29.98
CA ALA K 47 49.02 3.19 -23.73
C ALA K 47 44.49 -0.87 -30.43
C ALA K 47 48.43 4.44 -24.39
N THR K 48 44.72 -2.17 -30.25
N THR K 48 47.55 5.14 -23.68
CA THR K 48 45.95 -2.80 -30.71
CA THR K 48 47.01 6.39 -24.20
C THR K 48 46.14 -2.54 -32.21
C THR K 48 48.13 7.38 -24.51
N ALA K 49 45.09 -2.79 -33.00
N ALA K 49 49.04 7.57 -23.56
CA ALA K 49 45.15 -2.54 -34.43
CA ALA K 49 50.16 8.49 -23.76
C ALA K 49 45.43 -1.07 -34.75
C ALA K 49 51.07 8.05 -24.91
N TYR K 50 44.73 -0.16 -34.06
N TYR K 50 51.39 6.75 -24.98
CA TYR K 50 44.92 1.27 -34.31
CA TYR K 50 52.24 6.24 -26.04
C TYR K 50 46.34 1.72 -33.96
C TYR K 50 51.57 6.40 -27.40
N ILE K 51 46.88 1.20 -32.85
N ILE K 51 50.26 6.13 -27.46
CA ILE K 51 48.24 1.53 -32.41
CA ILE K 51 49.47 6.31 -28.68
C ILE K 51 49.26 1.06 -33.44
C ILE K 51 49.53 7.76 -29.13
N LEU K 52 49.12 -0.19 -33.89
N LEU K 52 49.33 8.70 -28.20
CA LEU K 52 50.02 -0.71 -34.91
CA LEU K 52 49.39 10.12 -28.54
C LEU K 52 49.92 0.10 -36.21
C LEU K 52 50.79 10.54 -28.99
N SER K 53 48.72 0.56 -36.56
N SER K 53 51.83 9.98 -28.35
CA SER K 53 48.56 1.39 -37.75
CA SER K 53 53.21 10.31 -28.74
C SER K 53 49.21 2.77 -37.58
C SER K 53 53.54 9.76 -30.12
N ASP L 1 23.65 -26.43 -14.31
N ASP L 1 32.65 -3.79 8.04
CA ASP L 1 24.18 -27.04 -15.52
CA ASP L 1 33.03 -2.39 7.89
C ASP L 1 24.38 -25.96 -16.58
C ASP L 1 34.27 -2.22 7.00
N LYS L 2 23.27 -25.38 -17.05
N LYS L 2 35.45 -2.62 7.49
CA LYS L 2 23.35 -24.21 -17.92
CA LYS L 2 36.69 -2.40 6.73
C LYS L 2 23.98 -23.02 -17.20
C LYS L 2 36.66 -3.10 5.37
N ARG L 3 23.74 -22.90 -15.89
N ARG L 3 35.98 -4.24 5.27
CA ARG L 3 24.40 -21.88 -15.08
CA ARG L 3 35.83 -4.92 3.99
C ARG L 3 25.92 -22.07 -15.09
C ARG L 3 35.12 -4.02 2.98
N ALA L 4 26.38 -23.30 -14.91
N ALA L 4 34.02 -3.40 3.41
CA ALA L 4 27.81 -23.58 -14.96
CA ALA L 4 33.28 -2.49 2.55
C ALA L 4 28.37 -23.31 -16.36
C ALA L 4 34.11 -1.27 2.16
N HIS L 5 27.59 -23.58 -17.40
N HIS L 5 35.04 -0.84 3.02
CA HIS L 5 28.04 -23.27 -18.76
CA HIS L 5 35.95 0.24 2.68
C HIS L 5 28.18 -21.77 -18.99
C HIS L 5 36.90 -0.18 1.56
N HIS L 6 27.23 -20.97 -18.49
N HIS L 6 37.48 -1.39 1.66
CA HIS L 6 27.38 -19.52 -18.58
CA HIS L 6 38.31 -1.88 0.56
C HIS L 6 28.61 -19.04 -17.82
C HIS L 6 37.50 -2.04 -0.72
N ASN L 7 28.86 -19.62 -16.64
N ASN L 7 36.26 -2.54 -0.61
CA ASN L 7 30.08 -19.28 -15.91
CA ASN L 7 35.40 -2.65 -1.79
C ASN L 7 31.33 -19.67 -16.71
C ASN L 7 35.09 -1.27 -2.38
N ALA L 8 31.27 -20.78 -17.44
N ALA L 8 34.99 -0.24 -1.53
CA ALA L 8 32.38 -21.20 -18.29
CA ALA L 8 34.75 1.11 -2.02
C ALA L 8 32.59 -20.22 -19.46
C ALA L 8 35.97 1.67 -2.75
N LEU L 9 31.50 -19.76 -20.07
N LEU L 9 37.17 1.43 -2.21
CA LEU L 9 31.61 -18.77 -21.15
CA LEU L 9 38.38 1.85 -2.91
C LEU L 9 32.22 -17.47 -20.63
C LEU L 9 38.53 1.10 -4.23
N GLU L 10 31.81 -17.03 -19.44
N GLU L 10 38.19 -0.19 -4.25
CA GLU L 10 32.37 -15.84 -18.83
CA GLU L 10 38.22 -0.98 -5.49
C GLU L 10 33.85 -16.01 -18.49
C GLU L 10 37.17 -0.48 -6.49
N ARG L 11 34.23 -17.19 -17.99
N ARG L 11 36.00 -0.05 -5.99
CA ARG L 11 35.65 -17.49 -17.78
CA ARG L 11 34.99 0.56 -6.85
C ARG L 11 36.43 -17.37 -19.08
C ARG L 11 35.50 1.86 -7.47
N LYS L 12 35.91 -17.99 -20.15
N LYS L 12 36.12 2.70 -6.66
CA LYS L 12 36.57 -17.93 -21.45
CA LYS L 12 36.72 3.94 -7.16
C LYS L 12 36.68 -16.49 -21.96
C LYS L 12 37.82 3.64 -8.19
N ARG L 13 35.63 -15.68 -21.73
N ARG L 13 38.60 2.58 -7.93
CA ARG L 13 35.68 -14.26 -22.11
CA ARG L 13 39.64 2.16 -8.88
C ARG L 13 36.85 -13.57 -21.42
C ARG L 13 39.03 1.72 -10.21
N ARG L 14 36.98 -13.75 -20.10
N ARG L 14 37.96 0.92 -10.16
CA ARG L 14 38.08 -13.08 -19.39
CA ARG L 14 37.28 0.52 -11.40
C ARG L 14 39.44 -13.57 -19.87
C ARG L 14 36.68 1.72 -12.11
N ASP L 15 39.55 -14.86 -20.20
N ASP L 15 36.25 2.74 -11.37
CA ASP L 15 40.81 -15.39 -20.72
CA ASP L 15 35.77 3.96 -12.00
C ASP L 15 41.19 -14.70 -22.04
C ASP L 15 36.89 4.64 -12.79
N HIS L 16 40.23 -14.58 -22.97
N HIS L 16 38.06 4.79 -12.17
CA HIS L 16 40.49 -13.83 -24.20
CA HIS L 16 39.21 5.37 -12.87
C HIS L 16 40.84 -12.37 -23.93
C HIS L 16 39.66 4.50 -14.04
N ILE L 17 40.25 -11.77 -22.89
N ILE L 17 39.53 3.17 -13.92
CA ILE L 17 40.53 -10.38 -22.56
CA ILE L 17 39.85 2.26 -15.00
C ILE L 17 41.96 -10.23 -22.03
C ILE L 17 38.89 2.45 -16.17
N LYS L 18 42.40 -11.16 -21.18
N LYS L 18 37.59 2.60 -15.87
CA LYS L 18 43.78 -11.09 -20.68
CA LYS L 18 36.60 2.81 -16.91
C LYS L 18 44.78 -11.27 -21.82
C LYS L 18 36.82 4.14 -17.62
N ASP L 19 44.48 -12.15 -22.77
N ASP L 19 37.14 5.18 -16.85
CA ASP L 19 45.33 -12.25 -23.96
CA ASP L 19 37.53 6.46 -17.45
C ASP L 19 45.37 -10.94 -24.75
C ASP L 19 38.76 6.30 -18.35
N SER L 20 44.20 -10.30 -24.93
N SER L 20 39.71 5.45 -17.94
CA SER L 20 44.14 -9.02 -25.63
CA SER L 20 40.90 5.21 -18.76
C SER L 20 44.96 -7.95 -24.91
C SER L 20 40.56 4.46 -20.04
N PHE L 21 44.88 -7.92 -23.57
N PHE L 21 39.70 3.45 -19.95
CA PHE L 21 45.69 -6.98 -22.80
CA PHE L 21 39.20 2.75 -21.14
C PHE L 21 47.18 -7.24 -22.98
C PHE L 21 38.53 3.73 -22.09
N HIS L 22 47.58 -8.52 -22.98
N HIS L 22 37.67 4.61 -21.56
CA HIS L 22 48.99 -8.87 -23.18
CA HIS L 22 36.99 5.58 -22.40
C HIS L 22 49.47 -8.37 -24.54
C HIS L 22 37.99 6.54 -23.06
N SER L 23 48.66 -8.56 -25.59
N SER L 23 39.01 7.00 -22.31
CA SER L 23 49.01 -8.05 -26.92
CA SER L 23 40.03 7.87 -22.88
C SER L 23 49.12 -6.52 -26.91
C SER L 23 40.83 7.16 -23.97
N LEU L 24 48.20 -5.84 -26.22
N LEU L 24 41.16 5.88 -23.75
CA LEU L 24 48.21 -4.37 -26.21
CA LEU L 24 41.90 5.13 -24.75
C LEU L 24 49.42 -3.84 -25.45
C LEU L 24 41.06 4.91 -26.00
N ARG L 25 49.74 -4.44 -24.29
N ARG L 25 39.78 4.57 -25.84
CA ARG L 25 50.96 -4.08 -23.56
CA ARG L 25 38.87 4.42 -26.97
C ARG L 25 52.17 -4.17 -24.49
C ARG L 25 38.80 5.70 -27.78
N ASP L 26 52.33 -5.31 -25.16
N ASP L 26 38.69 6.84 -27.10
CA ASP L 26 53.49 -5.47 -26.04
CA ASP L 26 38.69 8.13 -27.81
C ASP L 26 53.49 -4.47 -27.19
C ASP L 26 40.04 8.43 -28.46
N SER L 27 52.36 -3.80 -27.46
N SER L 27 41.12 7.76 -28.03
CA SER L 27 52.26 -2.88 -28.59
CA SER L 27 42.45 8.02 -28.56
C SER L 27 52.71 -1.46 -28.26
C SER L 27 42.78 7.18 -29.79
N VAL L 28 52.86 -1.09 -26.99
N VAL L 28 42.02 6.13 -30.08
CA VAL L 28 53.20 0.28 -26.61
CA VAL L 28 42.25 5.30 -31.27
C VAL L 28 54.63 0.31 -26.05
C VAL L 28 41.20 5.64 -32.33
N PRO L 29 55.55 1.09 -26.66
N PRO L 29 41.59 6.18 -33.48
CA PRO L 29 56.95 1.08 -26.21
CA PRO L 29 40.59 6.55 -34.51
C PRO L 29 57.16 1.41 -24.74
C PRO L 29 39.64 5.42 -34.89
N SER L 30 56.34 2.30 -24.17
N SER L 30 40.09 4.17 -34.88
CA SER L 30 56.50 2.67 -22.76
CA SER L 30 39.27 3.03 -35.27
C SER L 30 56.25 1.51 -21.80
C SER L 30 38.11 2.74 -34.31
N LEU L 31 55.64 0.42 -22.26
N LEU L 31 38.04 3.40 -33.15
CA LEU L 31 55.38 -0.74 -21.41
CA LEU L 31 36.90 3.26 -32.24
C LEU L 31 56.05 -2.02 -21.91
C LEU L 31 36.31 4.59 -31.79
N GLN L 32 56.74 -2.00 -23.05
N GLN L 32 36.76 5.72 -32.34
CA GLN L 32 57.45 -3.18 -23.54
CA GLN L 32 36.17 7.01 -32.00
C GLN L 32 58.52 -3.62 -22.54
C GLN L 32 34.69 7.04 -32.39
N GLY L 33 58.41 -4.86 -22.07
N GLY L 33 33.83 7.31 -31.41
CA GLY L 33 59.31 -5.40 -21.04
CA GLY L 33 32.40 7.34 -31.61
C GLY L 33 58.97 -5.02 -19.62
C GLY L 33 31.72 5.99 -31.73
N GLU L 34 58.00 -4.13 -19.39
N GLU L 34 32.48 4.89 -31.68
CA GLU L 34 57.68 -3.62 -18.06
CA GLU L 34 31.94 3.54 -31.78
C GLU L 34 56.52 -4.39 -17.43
C GLU L 34 31.75 2.93 -30.38
N LYS L 35 56.37 -4.23 -16.11
N LYS L 35 30.95 1.86 -30.32
CA LYS L 35 55.26 -4.80 -15.34
CA LYS L 35 30.69 1.13 -29.08
C LYS L 35 54.24 -3.69 -15.09
C LYS L 35 31.43 -0.20 -29.09
N ALA L 36 52.98 -3.93 -15.44
N ALA L 36 32.20 -0.46 -28.02
CA ALA L 36 51.97 -2.86 -15.45
CA ALA L 36 33.18 -1.55 -28.02
C ALA L 36 50.57 -3.40 -15.19
C ALA L 36 33.41 -2.08 -26.60
N SER L 37 49.70 -2.53 -14.66
N SER L 37 33.73 -3.38 -26.52
CA SER L 37 48.30 -2.82 -14.42
CA SER L 37 34.06 -4.03 -25.25
C SER L 37 47.47 -2.56 -15.69
C SER L 37 35.50 -3.71 -24.84
N ARG L 38 46.25 -3.10 -15.70
N ARG L 38 35.83 -4.03 -23.58
CA ARG L 38 45.35 -2.85 -16.82
CA ARG L 38 37.19 -3.83 -23.08
C ARG L 38 45.06 -1.36 -16.97
C ARG L 38 38.20 -4.60 -23.92
N ALA L 39 44.89 -0.65 -15.86
N ALA L 39 37.87 -5.85 -24.26
CA ALA L 39 44.71 0.80 -15.92
CA ALA L 39 38.75 -6.65 -25.10
C ALA L 39 45.91 1.47 -16.54
C ALA L 39 38.94 -6.00 -26.47
N GLN L 40 47.13 1.01 -16.20
N GLN L 40 37.87 -5.47 -27.06
CA GLN L 40 48.33 1.57 -16.81
CA GLN L 40 37.97 -4.82 -28.36
C GLN L 40 48.42 1.21 -18.29
C GLN L 40 38.83 -3.55 -28.27
N ILE L 41 48.05 -0.01 -18.67
N ILE L 41 38.66 -2.76 -27.21
CA ILE L 41 48.07 -0.37 -20.09
CA ILE L 41 39.46 -1.55 -27.04
C ILE L 41 47.11 0.51 -20.88
C ILE L 41 40.95 -1.92 -26.94
N LEU L 42 45.91 0.72 -20.35
N LEU L 42 41.27 -2.93 -26.11
CA LEU L 42 44.92 1.57 -21.02
CA LEU L 42 42.65 -3.36 -25.97
C LEU L 42 45.36 3.03 -21.04
C LEU L 42 43.21 -3.91 -27.28
N ASP L 43 45.86 3.55 -19.92
N ASP L 43 42.43 -4.72 -28.00
CA ASP L 43 46.27 4.96 -19.85
CA ASP L 43 42.88 -5.30 -29.26
C ASP L 43 47.48 5.23 -20.73
C ASP L 43 43.11 -4.22 -30.31
N LYS L 44 48.45 4.32 -20.74
N LYS L 44 42.17 -3.28 -30.42
CA LYS L 44 49.62 4.48 -21.61
CA LYS L 44 42.31 -2.21 -31.40
C LYS L 44 49.25 4.30 -23.07
C LYS L 44 43.47 -1.30 -31.05
N ALA L 45 48.33 3.37 -23.37
N ALA L 45 43.71 -1.07 -29.76
CA ALA L 45 47.81 3.28 -24.73
CA ALA L 45 44.90 -0.31 -29.35
C ALA L 45 47.14 4.60 -25.13
C ALA L 45 46.17 -1.07 -29.71
N THR L 46 46.37 5.19 -24.22
N THR L 46 46.18 -2.39 -29.51
CA THR L 46 45.70 6.46 -24.50
CA THR L 46 47.34 -3.22 -29.85
C THR L 46 46.72 7.58 -24.75
C THR L 46 47.64 -3.15 -31.35
N GLU L 47 47.64 7.78 -23.81
N GLU L 47 46.63 -3.41 -32.18
CA GLU L 47 48.61 8.87 -23.95
CA GLU L 47 46.85 -3.39 -33.62
C GLU L 47 49.59 8.60 -25.08
C GLU L 47 47.08 -1.97 -34.13
N TYR L 48 49.82 7.32 -25.43
N TYR L 48 46.51 -0.96 -33.49
CA TYR L 48 50.68 6.99 -26.56
CA TYR L 48 46.77 0.42 -33.89
C TYR L 48 49.98 7.26 -27.89
C TYR L 48 48.20 0.83 -33.59
N ILE L 49 48.67 6.99 -27.98
N ILE L 49 48.73 0.42 -32.44
CA ILE L 49 47.93 7.38 -29.17
CA ILE L 49 50.14 0.68 -32.15
C ILE L 49 47.91 8.90 -29.32
C ILE L 49 51.04 -0.03 -33.16
N GLN L 50 47.67 9.61 -28.21
N GLN L 50 50.75 -1.31 -33.43
CA GLN L 50 47.74 11.07 -28.23
CA GLN L 50 51.51 -2.05 -34.45
C GLN L 50 49.11 11.54 -28.73
C GLN L 50 51.49 -1.31 -35.79
N TYR L 51 50.17 11.05 -28.09
N TYR L 51 50.29 -0.96 -36.25
CA TYR L 51 51.55 11.40 -28.43
CA TYR L 51 50.07 -0.23 -37.49
C TYR L 51 51.85 11.09 -29.89
C TYR L 51 50.86 1.08 -37.52
#